data_7LJM
#
_entry.id   7LJM
#
_cell.length_a   74.473
_cell.length_b   69.781
_cell.length_c   88.697
_cell.angle_alpha   90.000
_cell.angle_beta   110.351
_cell.angle_gamma   90.000
#
_symmetry.space_group_name_H-M   'P 1 21 1'
#
loop_
_entity.id
_entity.type
_entity.pdbx_description
1 polymer CD-NTase
2 non-polymer 'MAGNESIUM ION'
3 non-polymer "GUANOSINE-5'-TRIPHOSPHATE"
4 water water
#
_entity_poly.entity_id   1
_entity_poly.type   'polypeptide(L)'
_entity_poly.pdbx_seq_one_letter_code
;SMELNSQFNAFLTNIRPTDPQKEDWKGGAKTLRERLNNYEPLKDIVVSTFLQGSIRRSTAIRPLNGKRPDVDIVVVTNLD
HNQIAPQEAMDLFVPFLEKYYPEKWVPQGRSFGITLSYVELDLVITAIPASGEEKNLLEQLYRSESVLTVNSLEEQKDWR
LNKSWKPSESGLFISNSANIQDAPLSEWKAHPLVLPDRDENKWGRTHPLAQIRWTAEKNRACNGHYINLVRAVKWWRQQN
SDNLPKYPKGYPLEHLIGNALDDGTPSMGKGLVQLIDTFLSRWAYVYSLRSKPSLPDHGVEEHDVLARLSAEDFCLFYEG
LEDAAIIARSALASQDPKESAELWRKLFGTKFPFPGPQGGDRSSGFTAPTQPAEPQKTGRFA
;
_entity_poly.pdbx_strand_id   A,B
#
loop_
_chem_comp.id
_chem_comp.type
_chem_comp.name
_chem_comp.formula
GTP non-polymer GUANOSINE-5'-TRIPHOSPHATE 'C10 H16 N5 O14 P3'
MG non-polymer 'MAGNESIUM ION' 'Mg 2'
#
# COMPACT_ATOMS: atom_id res chain seq x y z
N LEU A 4 -22.22 -31.97 -0.07
CA LEU A 4 -21.71 -32.34 -1.39
C LEU A 4 -20.22 -32.06 -1.49
N ASN A 5 -19.80 -31.64 -2.69
CA ASN A 5 -18.45 -31.12 -2.88
C ASN A 5 -18.33 -29.67 -2.45
N SER A 6 -19.41 -29.08 -1.92
CA SER A 6 -19.38 -27.69 -1.51
C SER A 6 -18.55 -27.48 -0.26
N GLN A 7 -18.43 -28.50 0.60
CA GLN A 7 -17.61 -28.38 1.80
C GLN A 7 -16.15 -28.10 1.43
N PHE A 8 -15.69 -28.61 0.29
CA PHE A 8 -14.35 -28.28 -0.18
C PHE A 8 -14.27 -26.87 -0.74
N ASN A 9 -15.38 -26.33 -1.24
CA ASN A 9 -15.37 -24.96 -1.74
C ASN A 9 -15.29 -23.95 -0.61
N ALA A 10 -16.05 -24.18 0.46
CA ALA A 10 -15.98 -23.28 1.61
C ALA A 10 -14.61 -23.36 2.29
N PHE A 11 -14.06 -24.57 2.40
CA PHE A 11 -12.74 -24.73 3.01
C PHE A 11 -11.66 -24.06 2.17
N LEU A 12 -11.79 -24.09 0.85
CA LEU A 12 -10.78 -23.49 -0.01
C LEU A 12 -10.85 -21.97 0.03
N THR A 13 -12.06 -21.40 0.08
CA THR A 13 -12.19 -19.97 0.27
C THR A 13 -11.63 -19.53 1.63
N ASN A 14 -11.53 -20.45 2.58
CA ASN A 14 -10.96 -20.15 3.88
C ASN A 14 -9.45 -20.28 3.92
N ILE A 15 -8.84 -20.97 2.95
CA ILE A 15 -7.38 -21.13 2.93
C ILE A 15 -6.72 -20.32 1.83
N ARG A 16 -7.47 -19.70 0.94
CA ARG A 16 -6.85 -18.86 -0.07
C ARG A 16 -6.44 -17.52 0.54
N PRO A 17 -5.45 -16.84 -0.05
CA PRO A 17 -5.13 -15.49 0.41
C PRO A 17 -6.34 -14.58 0.28
N THR A 18 -6.48 -13.67 1.23
CA THR A 18 -7.68 -12.85 1.30
C THR A 18 -7.69 -11.79 0.21
N ASP A 19 -8.87 -11.24 -0.04
CA ASP A 19 -9.01 -10.18 -1.04
C ASP A 19 -8.19 -8.93 -0.72
N PRO A 20 -8.03 -8.50 0.54
CA PRO A 20 -7.12 -7.36 0.79
C PRO A 20 -5.68 -7.67 0.41
N GLN A 21 -5.20 -8.87 0.72
CA GLN A 21 -3.90 -9.30 0.22
C GLN A 21 -3.89 -9.35 -1.30
N LYS A 22 -4.95 -9.91 -1.88
CA LYS A 22 -5.05 -9.97 -3.34
C LYS A 22 -4.96 -8.58 -3.97
N GLU A 23 -5.71 -7.61 -3.42
CA GLU A 23 -5.66 -6.27 -3.98
C GLU A 23 -4.33 -5.57 -3.69
N ASP A 24 -3.66 -5.97 -2.61
CA ASP A 24 -2.38 -5.34 -2.29
C ASP A 24 -1.25 -5.81 -3.20
N TRP A 25 -1.23 -7.10 -3.55
CA TRP A 25 -0.16 -7.58 -4.41
C TRP A 25 -0.41 -7.25 -5.88
N LYS A 26 -1.66 -6.98 -6.27
CA LYS A 26 -1.93 -6.58 -7.65
C LYS A 26 -1.54 -5.13 -7.87
N GLY A 27 -1.97 -4.23 -6.99
CA GLY A 27 -1.57 -2.84 -7.12
C GLY A 27 -0.09 -2.64 -6.83
N GLY A 28 0.45 -3.40 -5.88
CA GLY A 28 1.87 -3.29 -5.56
C GLY A 28 2.75 -3.68 -6.73
N ALA A 29 2.44 -4.83 -7.35
CA ALA A 29 3.18 -5.23 -8.54
C ALA A 29 2.98 -4.24 -9.68
N LYS A 30 1.75 -3.72 -9.84
CA LYS A 30 1.52 -2.71 -10.86
C LYS A 30 2.29 -1.43 -10.56
N THR A 31 2.27 -0.99 -9.30
CA THR A 31 3.02 0.20 -8.93
C THR A 31 4.52 -0.02 -9.09
N LEU A 32 5.00 -1.22 -8.75
CA LEU A 32 6.42 -1.52 -8.92
C LEU A 32 6.80 -1.57 -10.39
N ARG A 33 5.92 -2.14 -11.23
CA ARG A 33 6.20 -2.22 -12.66
C ARG A 33 6.33 -0.83 -13.29
N GLU A 34 5.41 0.07 -12.96
CA GLU A 34 5.46 1.42 -13.54
C GLU A 34 6.70 2.17 -13.06
N ARG A 35 7.03 2.03 -11.78
CA ARG A 35 8.19 2.73 -11.23
C ARG A 35 9.49 2.30 -11.90
N LEU A 36 9.68 0.98 -12.04
CA LEU A 36 10.91 0.48 -12.65
C LEU A 36 11.02 0.93 -14.11
N ASN A 37 9.90 0.93 -14.83
CA ASN A 37 9.92 1.32 -16.23
C ASN A 37 10.19 2.82 -16.38
N ASN A 38 9.62 3.63 -15.50
CA ASN A 38 9.79 5.07 -15.61
C ASN A 38 11.10 5.57 -15.02
N TYR A 39 11.67 4.82 -14.07
CA TYR A 39 12.87 5.27 -13.38
C TYR A 39 14.01 5.47 -14.36
N GLU A 40 14.59 6.67 -14.36
CA GLU A 40 15.50 7.01 -15.46
C GLU A 40 16.81 6.23 -15.40
N PRO A 41 17.49 6.08 -14.25
CA PRO A 41 18.69 5.22 -14.25
C PRO A 41 18.41 3.76 -14.57
N LEU A 42 17.14 3.33 -14.58
CA LEU A 42 16.75 1.98 -14.98
C LEU A 42 15.80 1.99 -16.17
N LYS A 43 15.65 3.11 -16.86
CA LYS A 43 14.81 3.21 -18.05
C LYS A 43 15.42 2.50 -19.26
N ASP A 44 16.63 1.96 -19.13
CA ASP A 44 17.32 1.29 -20.23
C ASP A 44 17.56 -0.18 -19.96
N ILE A 45 17.24 -0.66 -18.77
CA ILE A 45 17.59 -2.01 -18.34
C ILE A 45 16.37 -2.86 -18.07
N VAL A 46 15.33 -2.30 -17.45
CA VAL A 46 14.17 -3.09 -17.05
C VAL A 46 13.37 -3.46 -18.30
N VAL A 47 13.31 -4.76 -18.60
CA VAL A 47 12.53 -5.24 -19.73
C VAL A 47 11.11 -5.62 -19.30
N SER A 48 10.96 -6.21 -18.11
CA SER A 48 9.67 -6.72 -17.68
C SER A 48 9.67 -6.91 -16.17
N THR A 49 8.50 -6.71 -15.55
CA THR A 49 8.27 -6.96 -14.13
C THR A 49 6.95 -7.71 -14.02
N PHE A 50 7.01 -8.97 -13.60
CA PHE A 50 5.81 -9.80 -13.59
C PHE A 50 5.73 -10.62 -12.31
N LEU A 51 4.53 -11.16 -12.07
CA LEU A 51 4.27 -11.97 -10.89
C LEU A 51 4.54 -13.43 -11.21
N GLN A 52 5.23 -14.11 -10.31
CA GLN A 52 5.47 -15.54 -10.45
C GLN A 52 5.07 -16.24 -9.17
N GLY A 53 5.49 -17.49 -9.01
CA GLY A 53 5.29 -18.16 -7.75
C GLY A 53 3.86 -18.62 -7.52
N SER A 54 3.66 -19.16 -6.32
CA SER A 54 2.38 -19.74 -5.95
C SER A 54 1.24 -18.73 -6.00
N ILE A 55 1.54 -17.45 -5.79
CA ILE A 55 0.52 -16.42 -5.97
C ILE A 55 0.05 -16.41 -7.41
N ARG A 56 0.99 -16.37 -8.36
CA ARG A 56 0.66 -16.35 -9.77
C ARG A 56 -0.04 -17.64 -10.19
N ARG A 57 0.40 -18.78 -9.66
CA ARG A 57 -0.14 -20.08 -10.05
C ARG A 57 -1.31 -20.53 -9.19
N SER A 58 -1.77 -19.69 -8.26
CA SER A 58 -2.91 -20.00 -7.39
C SER A 58 -2.66 -21.22 -6.51
N THR A 59 -1.41 -21.45 -6.12
CA THR A 59 -1.06 -22.56 -5.23
C THR A 59 -0.57 -22.06 -3.88
N ALA A 60 -0.89 -20.83 -3.51
CA ALA A 60 -0.49 -20.25 -2.24
C ALA A 60 -1.67 -20.30 -1.28
N ILE A 61 -1.41 -20.76 -0.06
CA ILE A 61 -2.40 -20.76 1.00
C ILE A 61 -2.16 -19.57 1.90
N ARG A 62 -3.22 -19.08 2.53
CA ARG A 62 -3.11 -17.94 3.43
C ARG A 62 -2.25 -18.30 4.63
N PRO A 63 -1.33 -17.43 5.03
CA PRO A 63 -0.49 -17.72 6.19
C PRO A 63 -1.28 -17.61 7.49
N LEU A 64 -0.80 -18.33 8.51
CA LEU A 64 -1.40 -18.23 9.83
C LEU A 64 -0.94 -16.96 10.53
N ASN A 65 -1.75 -16.53 11.50
CA ASN A 65 -1.40 -15.42 12.39
C ASN A 65 -1.28 -14.10 11.64
N GLY A 66 -2.01 -13.95 10.54
CA GLY A 66 -2.02 -12.70 9.82
C GLY A 66 -0.68 -12.24 9.28
N LYS A 67 0.26 -13.14 9.09
CA LYS A 67 1.55 -12.77 8.52
C LYS A 67 1.42 -12.57 7.02
N ARG A 68 2.15 -11.61 6.49
CA ARG A 68 2.00 -11.23 5.10
C ARG A 68 2.42 -12.38 4.19
N PRO A 69 1.58 -12.78 3.23
CA PRO A 69 1.99 -13.85 2.31
C PRO A 69 3.16 -13.43 1.45
N ASP A 70 3.91 -14.42 1.00
CA ASP A 70 5.07 -14.22 0.14
C ASP A 70 4.61 -14.12 -1.32
N VAL A 71 4.89 -12.99 -1.95
CA VAL A 71 4.50 -12.74 -3.34
C VAL A 71 5.78 -12.57 -4.15
N ASP A 72 6.11 -13.60 -4.94
CA ASP A 72 7.33 -13.57 -5.74
C ASP A 72 7.15 -12.73 -6.99
N ILE A 73 8.16 -11.94 -7.31
CA ILE A 73 8.15 -11.04 -8.46
C ILE A 73 9.48 -11.16 -9.18
N VAL A 74 9.44 -11.14 -10.52
CA VAL A 74 10.64 -11.22 -11.33
C VAL A 74 10.82 -9.88 -12.04
N VAL A 75 12.03 -9.33 -11.96
CA VAL A 75 12.43 -8.20 -12.78
C VAL A 75 13.33 -8.74 -13.88
N VAL A 76 12.86 -8.68 -15.12
CA VAL A 76 13.65 -9.14 -16.26
C VAL A 76 14.45 -7.96 -16.80
N THR A 77 15.76 -8.13 -16.89
CA THR A 77 16.66 -7.10 -17.40
C THR A 77 17.23 -7.54 -18.74
N ASN A 78 17.78 -6.57 -19.48
CA ASN A 78 18.47 -6.86 -20.73
C ASN A 78 19.98 -6.91 -20.54
N LEU A 79 20.45 -7.02 -19.30
CA LEU A 79 21.87 -7.08 -19.03
C LEU A 79 22.49 -8.35 -19.62
N ASP A 80 23.74 -8.24 -20.05
CA ASP A 80 24.50 -9.40 -20.48
C ASP A 80 25.03 -10.10 -19.24
N HIS A 81 24.43 -11.25 -18.90
CA HIS A 81 24.79 -11.96 -17.69
C HIS A 81 26.19 -12.57 -17.74
N ASN A 82 26.86 -12.52 -18.89
CA ASN A 82 28.24 -12.97 -18.98
C ASN A 82 29.25 -11.89 -18.64
N GLN A 83 28.80 -10.65 -18.44
CA GLN A 83 29.70 -9.53 -18.17
C GLN A 83 29.38 -8.81 -16.87
N ILE A 84 28.37 -9.28 -16.12
CA ILE A 84 28.03 -8.70 -14.83
C ILE A 84 27.44 -9.80 -13.97
N ALA A 85 27.95 -9.92 -12.73
CA ALA A 85 27.51 -10.91 -11.77
C ALA A 85 26.22 -10.45 -11.09
N PRO A 86 25.44 -11.40 -10.53
CA PRO A 86 24.13 -11.02 -9.96
C PRO A 86 24.20 -10.01 -8.84
N GLN A 87 25.25 -10.03 -8.02
CA GLN A 87 25.38 -9.02 -6.99
C GLN A 87 25.50 -7.62 -7.59
N GLU A 88 26.32 -7.49 -8.64
CA GLU A 88 26.47 -6.21 -9.32
C GLU A 88 25.23 -5.84 -10.11
N ALA A 89 24.41 -6.82 -10.48
CA ALA A 89 23.13 -6.51 -11.11
C ALA A 89 22.09 -6.08 -10.08
N MET A 90 22.06 -6.75 -8.91
CA MET A 90 21.18 -6.33 -7.83
C MET A 90 21.61 -4.98 -7.26
N ASP A 91 22.91 -4.70 -7.26
CA ASP A 91 23.39 -3.40 -6.78
C ASP A 91 22.87 -2.26 -7.65
N LEU A 92 22.52 -2.53 -8.90
CA LEU A 92 21.98 -1.50 -9.77
C LEU A 92 20.60 -1.02 -9.33
N PHE A 93 19.85 -1.85 -8.60
CA PHE A 93 18.52 -1.51 -8.14
C PHE A 93 18.51 -0.97 -6.72
N VAL A 94 19.68 -0.84 -6.08
CA VAL A 94 19.74 -0.25 -4.75
C VAL A 94 19.26 1.19 -4.73
N PRO A 95 19.73 2.09 -5.60
CA PRO A 95 19.19 3.47 -5.56
C PRO A 95 17.71 3.56 -5.80
N PHE A 96 17.19 2.82 -6.79
CA PHE A 96 15.75 2.76 -7.01
C PHE A 96 15.01 2.38 -5.73
N LEU A 97 15.51 1.37 -5.02
CA LEU A 97 14.83 0.90 -3.81
C LEU A 97 14.86 1.95 -2.70
N GLU A 98 15.97 2.69 -2.58
CA GLU A 98 16.07 3.70 -1.54
C GLU A 98 15.06 4.83 -1.76
N LYS A 99 14.82 5.19 -3.02
CA LYS A 99 13.95 6.30 -3.36
C LYS A 99 12.48 5.94 -3.22
N TYR A 100 12.07 4.80 -3.80
CA TYR A 100 10.65 4.49 -3.86
C TYR A 100 10.17 3.64 -2.69
N TYR A 101 11.05 2.84 -2.10
CA TYR A 101 10.69 1.94 -1.00
C TYR A 101 11.67 2.11 0.16
N PRO A 102 11.82 3.33 0.67
CA PRO A 102 12.79 3.55 1.74
C PRO A 102 12.35 2.89 3.04
N GLU A 103 13.33 2.51 3.85
CA GLU A 103 13.17 1.84 5.14
C GLU A 103 12.13 0.72 5.11
N LYS A 104 11.88 0.14 3.93
CA LYS A 104 10.92 -0.94 3.77
C LYS A 104 11.44 -2.07 2.90
N TRP A 105 12.66 -1.98 2.39
CA TRP A 105 13.27 -3.06 1.63
C TRP A 105 14.47 -3.61 2.39
N VAL A 106 14.89 -4.81 2.00
CA VAL A 106 16.04 -5.46 2.62
C VAL A 106 16.66 -6.44 1.63
N PRO A 107 17.99 -6.44 1.48
CA PRO A 107 18.64 -7.46 0.65
C PRO A 107 18.58 -8.82 1.34
N GLN A 108 17.89 -9.77 0.72
CA GLN A 108 17.78 -11.13 1.25
C GLN A 108 18.68 -12.10 0.50
N GLY A 109 19.90 -11.68 0.17
CA GLY A 109 20.85 -12.53 -0.51
C GLY A 109 20.53 -12.72 -1.99
N ARG A 110 19.76 -13.75 -2.30
CA ARG A 110 19.39 -14.03 -3.68
C ARG A 110 18.31 -13.11 -4.20
N SER A 111 17.50 -12.52 -3.32
CA SER A 111 16.37 -11.71 -3.74
C SER A 111 16.31 -10.46 -2.88
N PHE A 112 15.52 -9.49 -3.34
CA PHE A 112 15.16 -8.31 -2.56
C PHE A 112 13.78 -8.53 -1.95
N GLY A 113 13.63 -8.10 -0.70
CA GLY A 113 12.35 -8.16 -0.02
C GLY A 113 11.78 -6.77 0.17
N ILE A 114 10.52 -6.60 -0.21
CA ILE A 114 9.80 -5.33 -0.08
C ILE A 114 8.58 -5.57 0.79
N THR A 115 8.56 -4.93 1.95
CA THR A 115 7.44 -5.06 2.87
C THR A 115 6.33 -4.10 2.46
N LEU A 116 5.19 -4.64 2.06
CA LEU A 116 4.02 -3.84 1.78
C LEU A 116 3.06 -3.92 2.97
N SER A 117 1.85 -3.38 2.79
CA SER A 117 0.88 -3.35 3.88
C SER A 117 0.40 -4.76 4.22
N TYR A 118 -0.04 -5.53 3.23
CA TYR A 118 -0.60 -6.85 3.47
C TYR A 118 0.26 -7.98 2.93
N VAL A 119 1.26 -7.69 2.09
CA VAL A 119 2.06 -8.72 1.46
C VAL A 119 3.53 -8.35 1.57
N GLU A 120 4.38 -9.35 1.34
CA GLU A 120 5.83 -9.18 1.32
C GLU A 120 6.32 -9.54 -0.07
N LEU A 121 6.75 -8.53 -0.83
CA LEU A 121 7.23 -8.78 -2.18
C LEU A 121 8.61 -9.42 -2.14
N ASP A 122 8.80 -10.43 -2.98
CA ASP A 122 10.08 -11.12 -3.12
C ASP A 122 10.54 -10.95 -4.56
N LEU A 123 11.54 -10.10 -4.77
CA LEU A 123 11.98 -9.71 -6.10
C LEU A 123 13.32 -10.37 -6.43
N VAL A 124 13.39 -11.05 -7.56
CA VAL A 124 14.64 -11.58 -8.10
C VAL A 124 14.97 -10.83 -9.38
N ILE A 125 16.18 -10.27 -9.43
CA ILE A 125 16.67 -9.65 -10.66
C ILE A 125 17.13 -10.75 -11.59
N THR A 126 16.64 -10.72 -12.84
CA THR A 126 16.93 -11.76 -13.81
C THR A 126 17.42 -11.14 -15.11
N ALA A 127 18.14 -11.96 -15.87
CA ALA A 127 18.67 -11.57 -17.17
C ALA A 127 18.25 -12.59 -18.21
N ILE A 128 18.28 -12.18 -19.47
CA ILE A 128 17.89 -13.04 -20.59
C ILE A 128 19.15 -13.65 -21.18
N PRO A 129 19.30 -14.97 -21.16
CA PRO A 129 20.52 -15.59 -21.74
C PRO A 129 20.72 -15.28 -23.21
N ALA A 130 19.65 -15.26 -24.02
CA ALA A 130 19.77 -15.05 -25.45
C ALA A 130 20.45 -13.72 -25.81
N SER A 131 20.64 -13.48 -27.10
CA SER A 131 21.32 -12.27 -27.57
C SER A 131 20.77 -11.88 -28.94
N GLY A 132 21.05 -10.64 -29.33
CA GLY A 132 20.73 -10.17 -30.67
C GLY A 132 19.25 -10.25 -30.98
N GLU A 133 18.95 -10.66 -32.22
CA GLU A 133 17.56 -10.83 -32.62
C GLU A 133 16.88 -11.99 -31.90
N GLU A 134 17.65 -12.89 -31.29
CA GLU A 134 17.02 -13.95 -30.51
C GLU A 134 16.55 -13.42 -29.16
N LYS A 135 17.34 -12.54 -28.55
CA LYS A 135 16.93 -11.89 -27.31
C LYS A 135 15.73 -10.99 -27.54
N ASN A 136 15.72 -10.27 -28.66
CA ASN A 136 14.62 -9.35 -28.95
C ASN A 136 13.28 -10.05 -29.05
N LEU A 137 13.25 -11.29 -29.55
CA LEU A 137 12.00 -12.03 -29.64
C LEU A 137 11.52 -12.53 -28.28
N LEU A 138 12.44 -12.76 -27.34
CA LEU A 138 12.02 -13.18 -26.00
C LEU A 138 11.51 -12.01 -25.18
N GLU A 139 12.12 -10.83 -25.35
CA GLU A 139 11.61 -9.64 -24.68
C GLU A 139 10.20 -9.30 -25.15
N GLN A 140 9.86 -9.62 -26.41
CA GLN A 140 8.48 -9.44 -26.84
C GLN A 140 7.53 -10.31 -26.04
N LEU A 141 8.01 -11.45 -25.54
CA LEU A 141 7.16 -12.30 -24.72
C LEU A 141 7.03 -11.77 -23.31
N TYR A 142 8.13 -11.26 -22.74
CA TYR A 142 8.08 -10.74 -21.38
C TYR A 142 7.38 -9.39 -21.27
N ARG A 143 7.22 -8.67 -22.38
CA ARG A 143 6.43 -7.44 -22.38
C ARG A 143 4.98 -7.68 -22.80
N SER A 144 4.58 -8.93 -23.00
CA SER A 144 3.25 -9.26 -23.49
C SER A 144 2.25 -9.32 -22.33
N GLU A 145 0.97 -9.30 -22.68
CA GLU A 145 -0.08 -9.50 -21.69
C GLU A 145 -0.06 -10.90 -21.09
N SER A 146 0.51 -11.87 -21.80
CA SER A 146 0.61 -13.23 -21.26
C SER A 146 1.42 -13.25 -19.97
N VAL A 147 2.47 -12.42 -19.90
CA VAL A 147 3.39 -12.46 -18.78
C VAL A 147 3.06 -11.33 -17.81
N LEU A 148 2.64 -10.19 -18.34
CA LEU A 148 2.42 -9.01 -17.53
C LEU A 148 1.08 -9.02 -16.79
N THR A 149 0.26 -10.05 -16.96
CA THR A 149 -1.01 -10.12 -16.26
C THR A 149 -0.78 -10.23 -14.76
N VAL A 150 -1.57 -9.46 -14.00
CA VAL A 150 -1.55 -9.54 -12.54
C VAL A 150 -2.65 -10.46 -12.01
N ASN A 151 -3.44 -11.06 -12.88
CA ASN A 151 -4.45 -12.01 -12.45
C ASN A 151 -3.83 -13.40 -12.25
N SER A 152 -4.47 -14.19 -11.40
CA SER A 152 -3.96 -15.50 -11.02
C SER A 152 -4.58 -16.59 -11.90
N LEU A 153 -3.97 -17.78 -11.85
CA LEU A 153 -4.40 -18.87 -12.73
C LEU A 153 -5.84 -19.27 -12.48
N GLU A 154 -6.32 -19.15 -11.25
CA GLU A 154 -7.72 -19.47 -10.99
C GLU A 154 -8.65 -18.44 -11.64
N GLU A 155 -8.16 -17.22 -11.86
CA GLU A 155 -9.01 -16.19 -12.48
C GLU A 155 -8.93 -16.24 -14.00
N GLN A 156 -7.84 -16.77 -14.55
CA GLN A 156 -7.64 -16.91 -15.99
C GLN A 156 -7.34 -18.38 -16.28
N LYS A 157 -8.38 -19.21 -16.25
CA LYS A 157 -8.21 -20.63 -16.57
C LYS A 157 -7.82 -20.84 -18.04
N ASP A 158 -8.12 -19.87 -18.89
CA ASP A 158 -7.79 -19.93 -20.31
C ASP A 158 -6.40 -19.36 -20.61
N TRP A 159 -5.57 -19.17 -19.58
CA TRP A 159 -4.29 -18.50 -19.77
C TRP A 159 -3.41 -19.29 -20.73
N ARG A 160 -2.87 -18.59 -21.73
CA ARG A 160 -1.95 -19.17 -22.69
C ARG A 160 -0.63 -18.42 -22.66
N LEU A 161 0.47 -19.16 -22.83
CA LEU A 161 1.81 -18.59 -22.88
C LEU A 161 2.09 -18.18 -24.32
N ASN A 162 1.73 -16.94 -24.66
CA ASN A 162 1.89 -16.46 -26.03
C ASN A 162 1.94 -14.94 -26.03
N LYS A 163 2.91 -14.38 -26.76
CA LYS A 163 3.08 -12.94 -26.83
C LYS A 163 1.88 -12.23 -27.47
N SER A 164 1.05 -12.96 -28.23
CA SER A 164 -0.11 -12.37 -28.87
C SER A 164 -1.41 -12.66 -28.10
N TRP A 165 -1.38 -13.52 -27.10
CA TRP A 165 -2.57 -13.89 -26.38
C TRP A 165 -3.08 -12.74 -25.52
N LYS A 166 -4.38 -12.48 -25.59
CA LYS A 166 -5.06 -11.54 -24.72
C LYS A 166 -6.10 -12.27 -23.89
N PRO A 167 -6.36 -11.84 -22.66
CA PRO A 167 -7.37 -12.52 -21.84
C PRO A 167 -8.77 -12.25 -22.35
N SER A 168 -9.65 -13.22 -22.13
CA SER A 168 -11.05 -13.07 -22.53
C SER A 168 -11.70 -11.93 -21.73
N GLU A 169 -12.64 -11.25 -22.37
CA GLU A 169 -13.41 -10.21 -21.72
C GLU A 169 -14.75 -10.72 -21.20
N SER A 170 -14.88 -12.04 -21.05
CA SER A 170 -16.08 -12.69 -20.50
C SER A 170 -17.33 -12.26 -21.26
N GLY A 171 -17.24 -12.21 -22.58
CA GLY A 171 -18.37 -11.84 -23.41
C GLY A 171 -18.95 -13.00 -24.20
N ASN A 176 -9.52 -13.84 -33.08
CA ASN A 176 -9.59 -13.68 -31.63
C ASN A 176 -8.26 -13.91 -30.95
N SER A 177 -7.79 -12.89 -30.22
CA SER A 177 -6.54 -13.01 -29.48
C SER A 177 -6.68 -13.94 -28.28
N ALA A 178 -7.89 -14.10 -27.75
CA ALA A 178 -8.10 -15.01 -26.63
C ALA A 178 -7.94 -16.46 -27.06
N ASN A 179 -8.33 -16.79 -28.29
CA ASN A 179 -8.18 -18.15 -28.82
C ASN A 179 -6.74 -18.48 -29.21
N ILE A 180 -5.80 -17.56 -29.03
CA ILE A 180 -4.42 -17.80 -29.43
C ILE A 180 -3.78 -18.79 -28.46
N GLN A 181 -3.22 -19.86 -29.01
CA GLN A 181 -2.73 -20.98 -28.22
C GLN A 181 -1.33 -20.69 -27.68
N ASP A 182 -0.81 -21.62 -26.89
CA ASP A 182 0.56 -21.53 -26.39
C ASP A 182 1.55 -21.49 -27.55
N ALA A 183 2.55 -20.62 -27.43
CA ALA A 183 3.60 -20.55 -28.44
C ALA A 183 4.33 -21.88 -28.54
N PRO A 184 4.76 -22.26 -29.74
CA PRO A 184 5.49 -23.53 -29.89
C PRO A 184 6.73 -23.56 -29.01
N LEU A 185 7.02 -24.75 -28.46
CA LEU A 185 8.08 -24.90 -27.48
C LEU A 185 9.43 -24.42 -28.02
N SER A 186 9.61 -24.45 -29.34
CA SER A 186 10.86 -24.02 -29.94
C SER A 186 11.20 -22.57 -29.62
N GLU A 187 10.21 -21.77 -29.20
CA GLU A 187 10.43 -20.35 -28.95
C GLU A 187 10.82 -20.04 -27.52
N TRP A 188 10.46 -20.89 -26.56
CA TRP A 188 10.66 -20.58 -25.14
C TRP A 188 11.13 -21.74 -24.27
N LYS A 189 10.92 -23.01 -24.65
CA LYS A 189 11.18 -24.12 -23.74
C LYS A 189 12.65 -24.19 -23.34
N ALA A 190 13.56 -24.02 -24.29
CA ALA A 190 14.99 -24.09 -24.04
C ALA A 190 15.61 -22.72 -23.81
N HIS A 191 14.80 -21.71 -23.50
CA HIS A 191 15.28 -20.35 -23.26
C HIS A 191 14.77 -19.86 -21.91
N PRO A 192 15.28 -20.40 -20.81
CA PRO A 192 14.88 -19.91 -19.49
C PRO A 192 15.64 -18.65 -19.12
N LEU A 193 15.18 -18.02 -18.04
CA LEU A 193 15.88 -16.85 -17.49
C LEU A 193 17.01 -17.31 -16.57
N VAL A 194 17.82 -16.33 -16.16
CA VAL A 194 18.89 -16.58 -15.20
C VAL A 194 18.69 -15.68 -13.99
N LEU A 195 18.94 -16.22 -12.81
CA LEU A 195 18.81 -15.53 -11.54
C LEU A 195 20.01 -15.84 -10.67
N PRO A 196 20.18 -15.11 -9.57
CA PRO A 196 21.29 -15.39 -8.65
C PRO A 196 21.16 -16.74 -7.98
N ASP A 197 22.31 -17.35 -7.70
CA ASP A 197 22.36 -18.53 -6.85
C ASP A 197 21.90 -18.17 -5.45
N ARG A 198 21.33 -19.16 -4.74
CA ARG A 198 20.87 -18.92 -3.38
C ARG A 198 21.99 -18.46 -2.47
N ASP A 199 23.23 -18.86 -2.76
CA ASP A 199 24.34 -18.62 -1.86
C ASP A 199 25.52 -17.94 -2.54
N GLU A 200 25.77 -18.25 -3.80
CA GLU A 200 26.95 -17.73 -4.51
C GLU A 200 26.60 -16.54 -5.39
N ASN A 201 27.65 -15.87 -5.86
CA ASN A 201 27.54 -14.78 -6.82
C ASN A 201 27.65 -15.28 -8.26
N LYS A 202 26.86 -16.30 -8.57
CA LYS A 202 26.85 -16.90 -9.89
C LYS A 202 25.41 -16.99 -10.38
N TRP A 203 25.21 -16.77 -11.67
CA TRP A 203 23.89 -16.89 -12.26
C TRP A 203 23.46 -18.36 -12.32
N GLY A 204 22.24 -18.62 -11.89
CA GLY A 204 21.59 -19.90 -12.10
C GLY A 204 20.53 -19.78 -13.18
N ARG A 205 19.78 -20.86 -13.38
CA ARG A 205 18.75 -20.89 -14.40
C ARG A 205 17.38 -21.19 -13.80
N THR A 206 16.40 -20.41 -14.21
CA THR A 206 15.01 -20.60 -13.81
C THR A 206 14.11 -20.32 -15.01
N HIS A 207 12.97 -21.01 -15.05
CA HIS A 207 12.00 -20.84 -16.12
C HIS A 207 10.62 -20.69 -15.49
N PRO A 208 10.33 -19.52 -14.91
CA PRO A 208 9.01 -19.34 -14.27
C PRO A 208 7.84 -19.50 -15.23
N LEU A 209 7.96 -18.99 -16.47
CA LEU A 209 6.85 -19.08 -17.41
C LEU A 209 6.52 -20.52 -17.75
N ALA A 210 7.54 -21.37 -17.89
CA ALA A 210 7.29 -22.77 -18.19
C ALA A 210 6.58 -23.46 -17.04
N GLN A 211 6.94 -23.13 -15.80
CA GLN A 211 6.24 -23.68 -14.65
C GLN A 211 4.78 -23.22 -14.62
N ILE A 212 4.54 -21.98 -15.02
CA ILE A 212 3.17 -21.47 -15.05
C ILE A 212 2.37 -22.16 -16.14
N ARG A 213 3.01 -22.44 -17.29
CA ARG A 213 2.29 -23.09 -18.39
C ARG A 213 2.00 -24.55 -18.10
N TRP A 214 2.90 -25.25 -17.41
CA TRP A 214 2.61 -26.62 -17.00
C TRP A 214 1.49 -26.65 -15.96
N THR A 215 1.50 -25.71 -15.02
CA THR A 215 0.45 -25.64 -14.01
C THR A 215 -0.90 -25.28 -14.63
N ALA A 216 -0.90 -24.37 -15.60
CA ALA A 216 -2.14 -24.01 -16.28
C ALA A 216 -2.72 -25.20 -17.04
N GLU A 217 -1.86 -25.95 -17.74
CA GLU A 217 -2.32 -27.11 -18.49
C GLU A 217 -2.78 -28.22 -17.55
N LYS A 218 -2.01 -28.47 -16.48
CA LYS A 218 -2.40 -29.51 -15.54
C LYS A 218 -3.68 -29.16 -14.81
N ASN A 219 -3.91 -27.87 -14.55
CA ASN A 219 -5.15 -27.46 -13.90
C ASN A 219 -6.35 -27.78 -14.79
N ARG A 220 -6.28 -27.41 -16.07
CA ARG A 220 -7.38 -27.67 -16.98
C ARG A 220 -7.64 -29.17 -17.14
N ALA A 221 -6.56 -29.97 -17.19
CA ALA A 221 -6.71 -31.40 -17.35
C ALA A 221 -7.31 -32.07 -16.12
N CYS A 222 -7.29 -31.42 -14.97
CA CYS A 222 -7.89 -31.94 -13.75
C CYS A 222 -9.14 -31.16 -13.34
N ASN A 223 -9.77 -30.50 -14.31
CA ASN A 223 -11.07 -29.84 -14.11
C ASN A 223 -11.00 -28.79 -13.00
N GLY A 224 -9.95 -27.98 -13.03
CA GLY A 224 -9.74 -26.93 -12.05
C GLY A 224 -9.42 -27.40 -10.65
N HIS A 225 -9.31 -28.71 -10.43
CA HIS A 225 -9.06 -29.23 -9.08
C HIS A 225 -7.58 -29.21 -8.70
N TYR A 226 -6.68 -29.09 -9.67
CA TYR A 226 -5.26 -29.27 -9.38
C TYR A 226 -4.74 -28.20 -8.42
N ILE A 227 -4.96 -26.92 -8.75
CA ILE A 227 -4.45 -25.84 -7.90
C ILE A 227 -5.10 -25.89 -6.53
N ASN A 228 -6.38 -26.28 -6.48
CA ASN A 228 -7.09 -26.33 -5.21
C ASN A 228 -6.66 -27.53 -4.36
N LEU A 229 -6.21 -28.61 -5.00
CA LEU A 229 -5.68 -29.74 -4.25
C LEU A 229 -4.29 -29.43 -3.70
N VAL A 230 -3.49 -28.65 -4.43
CA VAL A 230 -2.21 -28.20 -3.90
C VAL A 230 -2.42 -27.33 -2.67
N ARG A 231 -3.43 -26.45 -2.71
CA ARG A 231 -3.74 -25.66 -1.53
C ARG A 231 -4.19 -26.55 -0.38
N ALA A 232 -4.95 -27.60 -0.67
CA ALA A 232 -5.47 -28.46 0.39
C ALA A 232 -4.34 -29.20 1.09
N VAL A 233 -3.42 -29.78 0.31
CA VAL A 233 -2.30 -30.53 0.90
C VAL A 233 -1.37 -29.59 1.66
N LYS A 234 -1.06 -28.43 1.08
CA LYS A 234 -0.26 -27.44 1.81
C LYS A 234 -0.90 -27.08 3.14
N TRP A 235 -2.24 -27.05 3.19
CA TRP A 235 -2.92 -26.74 4.44
C TRP A 235 -2.77 -27.89 5.43
N TRP A 236 -2.96 -29.12 4.98
CA TRP A 236 -2.71 -30.28 5.81
C TRP A 236 -1.29 -30.26 6.37
N ARG A 237 -0.31 -29.97 5.50
CA ARG A 237 1.08 -29.95 5.93
C ARG A 237 1.32 -28.90 7.01
N GLN A 238 0.54 -27.82 7.02
CA GLN A 238 0.69 -26.76 8.01
C GLN A 238 -0.04 -27.08 9.30
N GLN A 239 -1.15 -27.82 9.23
CA GLN A 239 -1.92 -28.16 10.42
C GLN A 239 -1.39 -29.39 11.14
N ASN A 240 -0.62 -30.24 10.46
CA ASN A 240 0.06 -31.36 11.09
C ASN A 240 1.58 -31.17 11.09
N SER A 241 2.04 -29.91 11.06
CA SER A 241 3.47 -29.63 10.96
C SER A 241 4.26 -30.21 12.12
N ASP A 242 3.62 -30.43 13.27
CA ASP A 242 4.31 -31.00 14.43
C ASP A 242 4.52 -32.50 14.32
N ASN A 243 3.76 -33.18 13.47
CA ASN A 243 3.99 -34.58 13.16
C ASN A 243 4.72 -34.78 11.86
N LEU A 244 5.01 -33.69 11.16
CA LEU A 244 5.62 -33.79 9.86
C LEU A 244 6.97 -33.11 9.86
N PRO A 245 7.85 -33.52 8.98
CA PRO A 245 9.18 -32.92 8.92
C PRO A 245 9.14 -31.58 8.20
N LYS A 246 10.20 -30.80 8.41
CA LYS A 246 10.21 -29.43 7.92
C LYS A 246 10.17 -29.35 6.39
N TYR A 247 10.70 -30.36 5.70
CA TYR A 247 10.61 -30.44 4.25
C TYR A 247 10.02 -31.78 3.84
N PRO A 248 9.37 -31.86 2.67
CA PRO A 248 9.17 -30.82 1.66
C PRO A 248 8.06 -29.83 1.97
N LYS A 249 8.33 -28.56 1.69
CA LYS A 249 7.34 -27.49 1.80
C LYS A 249 7.50 -26.57 0.61
N GLY A 250 6.43 -25.85 0.30
CA GLY A 250 6.51 -24.90 -0.80
C GLY A 250 6.55 -25.61 -2.14
N TYR A 251 7.34 -25.07 -3.06
CA TYR A 251 7.37 -25.59 -4.42
C TYR A 251 7.83 -27.06 -4.51
N PRO A 252 8.80 -27.54 -3.73
CA PRO A 252 9.04 -28.98 -3.71
C PRO A 252 7.80 -29.79 -3.38
N LEU A 253 6.98 -29.32 -2.44
CA LEU A 253 5.74 -30.03 -2.11
C LEU A 253 4.73 -29.92 -3.24
N GLU A 254 4.57 -28.72 -3.80
CA GLU A 254 3.64 -28.51 -4.90
C GLU A 254 4.00 -29.38 -6.10
N HIS A 255 5.29 -29.46 -6.43
CA HIS A 255 5.72 -30.28 -7.55
C HIS A 255 5.41 -31.75 -7.32
N LEU A 256 5.55 -32.22 -6.08
CA LEU A 256 5.24 -33.60 -5.79
C LEU A 256 3.75 -33.89 -5.92
N ILE A 257 2.92 -32.86 -5.76
CA ILE A 257 1.48 -33.05 -5.92
C ILE A 257 1.10 -33.05 -7.39
N GLY A 258 1.70 -32.16 -8.19
CA GLY A 258 1.49 -32.17 -9.62
C GLY A 258 1.98 -33.44 -10.29
N ASN A 259 2.92 -34.15 -9.65
CA ASN A 259 3.39 -35.42 -10.18
C ASN A 259 2.42 -36.55 -9.80
N ALA A 260 2.01 -36.59 -8.53
CA ALA A 260 1.16 -37.68 -8.06
C ALA A 260 -0.24 -37.58 -8.65
N LEU A 261 -0.83 -36.38 -8.68
CA LEU A 261 -2.18 -36.22 -9.17
C LEU A 261 -2.25 -36.59 -10.65
N ASP A 262 -3.30 -37.33 -11.02
CA ASP A 262 -3.48 -37.81 -12.38
C ASP A 262 -4.46 -36.94 -13.14
N ASP A 263 -4.35 -37.02 -14.46
CA ASP A 263 -5.23 -36.26 -15.33
C ASP A 263 -6.68 -36.73 -15.18
N GLY A 264 -7.60 -35.81 -15.48
CA GLY A 264 -9.02 -36.11 -15.45
C GLY A 264 -9.57 -36.27 -14.04
N THR A 265 -9.23 -35.35 -13.15
CA THR A 265 -9.70 -35.44 -11.77
C THR A 265 -11.16 -35.02 -11.69
N PRO A 266 -12.05 -35.86 -11.17
CA PRO A 266 -13.47 -35.51 -11.16
C PRO A 266 -13.90 -34.65 -9.98
N SER A 267 -13.28 -34.84 -8.82
CA SER A 267 -13.72 -34.12 -7.63
C SER A 267 -12.56 -34.01 -6.65
N MET A 268 -12.70 -33.08 -5.70
CA MET A 268 -11.69 -32.92 -4.66
C MET A 268 -11.62 -34.16 -3.80
N GLY A 269 -12.78 -34.68 -3.43
CA GLY A 269 -12.85 -35.92 -2.68
C GLY A 269 -12.14 -37.07 -3.36
N LYS A 270 -12.29 -37.22 -4.69
CA LYS A 270 -11.62 -38.27 -5.44
C LYS A 270 -10.22 -37.87 -5.89
N GLY A 271 -9.94 -36.57 -5.95
CA GLY A 271 -8.63 -36.09 -6.31
C GLY A 271 -7.58 -36.33 -5.25
N LEU A 272 -7.98 -36.24 -3.99
CA LEU A 272 -7.03 -36.29 -2.89
C LEU A 272 -6.50 -37.70 -2.69
N VAL A 273 -7.38 -38.66 -2.44
CA VAL A 273 -6.97 -40.03 -2.22
C VAL A 273 -6.22 -40.54 -3.43
N GLN A 274 -6.65 -40.14 -4.64
CA GLN A 274 -5.94 -40.59 -5.84
C GLN A 274 -4.47 -40.16 -5.81
N LEU A 275 -4.22 -38.87 -5.60
CA LEU A 275 -2.84 -38.40 -5.56
C LEU A 275 -2.10 -38.95 -4.35
N ILE A 276 -2.80 -39.20 -3.24
CA ILE A 276 -2.16 -39.79 -2.07
C ILE A 276 -1.81 -41.25 -2.35
N ASP A 277 -2.77 -42.02 -2.87
CA ASP A 277 -2.48 -43.42 -3.21
C ASP A 277 -1.37 -43.52 -4.23
N THR A 278 -1.38 -42.65 -5.24
CA THR A 278 -0.34 -42.69 -6.25
C THR A 278 1.02 -42.30 -5.68
N PHE A 279 1.04 -41.37 -4.72
CA PHE A 279 2.30 -41.03 -4.06
C PHE A 279 2.85 -42.22 -3.30
N LEU A 280 1.98 -43.03 -2.71
CA LEU A 280 2.43 -44.18 -1.94
C LEU A 280 2.84 -45.34 -2.84
N SER A 281 2.08 -45.60 -3.90
CA SER A 281 2.46 -46.64 -4.86
C SER A 281 3.73 -46.28 -5.59
N ARG A 282 3.81 -45.05 -6.09
CA ARG A 282 4.91 -44.68 -6.97
C ARG A 282 6.25 -44.65 -6.23
N TRP A 283 6.24 -44.20 -4.97
CA TRP A 283 7.47 -44.01 -4.22
C TRP A 283 7.68 -45.10 -3.17
N ALA A 284 7.02 -46.25 -3.30
CA ALA A 284 7.22 -47.33 -2.35
C ALA A 284 8.61 -47.95 -2.51
N TYR A 285 9.03 -48.17 -3.76
CA TYR A 285 10.35 -48.74 -4.00
C TYR A 285 11.47 -47.77 -3.65
N VAL A 286 11.19 -46.47 -3.71
CA VAL A 286 12.20 -45.49 -3.33
C VAL A 286 12.22 -45.27 -1.83
N TYR A 287 11.08 -45.43 -1.16
CA TYR A 287 11.01 -45.24 0.28
C TYR A 287 11.57 -46.42 1.05
N SER A 288 11.42 -47.65 0.54
CA SER A 288 11.94 -48.81 1.25
C SER A 288 13.46 -48.75 1.36
N LEU A 289 14.12 -48.26 0.32
CA LEU A 289 15.56 -48.09 0.33
C LEU A 289 16.01 -46.86 1.11
N ARG A 290 15.08 -46.21 1.82
CA ARG A 290 15.35 -44.97 2.55
C ARG A 290 15.99 -43.93 1.63
N SER A 291 15.34 -43.70 0.50
CA SER A 291 15.83 -42.80 -0.54
C SER A 291 14.74 -41.82 -0.93
N LYS A 292 15.04 -40.98 -1.92
CA LYS A 292 14.14 -39.95 -2.39
C LYS A 292 14.10 -39.97 -3.92
N PRO A 293 13.01 -39.51 -4.52
CA PRO A 293 12.93 -39.46 -5.98
C PRO A 293 13.70 -38.27 -6.54
N SER A 294 13.88 -38.31 -7.86
CA SER A 294 14.61 -37.29 -8.62
C SER A 294 13.71 -36.79 -9.74
N LEU A 295 12.82 -35.85 -9.39
CA LEU A 295 11.85 -35.34 -10.35
C LEU A 295 12.42 -34.14 -11.11
N PRO A 296 12.30 -34.11 -12.43
CA PRO A 296 12.78 -32.95 -13.18
C PRO A 296 11.82 -31.79 -13.10
N ASP A 297 12.38 -30.58 -13.18
CA ASP A 297 11.58 -29.37 -13.11
C ASP A 297 10.86 -29.12 -14.43
N HIS A 298 9.62 -28.63 -14.35
CA HIS A 298 8.86 -28.29 -15.53
C HIS A 298 9.48 -27.13 -16.31
N GLY A 299 10.29 -26.31 -15.65
CA GLY A 299 10.94 -25.20 -16.33
C GLY A 299 12.29 -25.56 -16.91
N VAL A 300 13.25 -25.84 -16.04
CA VAL A 300 14.59 -26.27 -16.45
C VAL A 300 14.64 -27.78 -16.26
N GLU A 301 14.52 -28.52 -17.37
CA GLU A 301 14.36 -29.97 -17.28
C GLU A 301 15.57 -30.65 -16.65
N GLU A 302 16.76 -30.06 -16.77
CA GLU A 302 17.98 -30.62 -16.19
C GLU A 302 18.14 -30.30 -14.71
N HIS A 303 17.09 -29.85 -14.03
CA HIS A 303 17.14 -29.53 -12.61
C HIS A 303 16.23 -30.48 -11.83
N ASP A 304 16.74 -31.01 -10.73
CA ASP A 304 15.96 -31.85 -9.82
C ASP A 304 15.33 -30.95 -8.77
N VAL A 305 13.99 -30.88 -8.78
CA VAL A 305 13.27 -30.04 -7.83
C VAL A 305 13.56 -30.46 -6.39
N LEU A 306 13.83 -31.75 -6.17
CA LEU A 306 14.08 -32.28 -4.84
C LEU A 306 15.57 -32.36 -4.50
N ALA A 307 16.39 -31.51 -5.12
CA ALA A 307 17.83 -31.58 -4.87
C ALA A 307 18.19 -31.24 -3.44
N ARG A 308 17.44 -30.34 -2.81
CA ARG A 308 17.73 -29.91 -1.43
C ARG A 308 16.98 -30.72 -0.39
N LEU A 309 16.03 -31.56 -0.79
CA LEU A 309 15.29 -32.38 0.14
C LEU A 309 16.14 -33.57 0.58
N SER A 310 16.30 -33.73 1.89
CA SER A 310 17.08 -34.84 2.40
C SER A 310 16.31 -36.15 2.24
N ALA A 311 17.06 -37.25 2.09
CA ALA A 311 16.44 -38.54 1.84
C ALA A 311 15.62 -39.01 3.04
N GLU A 312 16.14 -38.80 4.25
CA GLU A 312 15.36 -39.07 5.45
C GLU A 312 14.15 -38.15 5.53
N ASP A 313 14.30 -36.90 5.08
CA ASP A 313 13.21 -35.95 5.11
C ASP A 313 12.03 -36.45 4.29
N PHE A 314 12.30 -36.95 3.09
CA PHE A 314 11.24 -37.48 2.23
C PHE A 314 10.60 -38.73 2.82
N CYS A 315 11.41 -39.61 3.41
CA CYS A 315 10.86 -40.83 3.99
C CYS A 315 10.04 -40.56 5.24
N LEU A 316 10.38 -39.50 5.99
CA LEU A 316 9.50 -39.07 7.06
C LEU A 316 8.19 -38.51 6.52
N PHE A 317 8.25 -37.84 5.37
CA PHE A 317 7.04 -37.32 4.74
C PHE A 317 6.19 -38.44 4.16
N TYR A 318 6.83 -39.43 3.53
CA TYR A 318 6.11 -40.62 3.07
C TYR A 318 5.37 -41.27 4.23
N GLU A 319 5.99 -41.32 5.41
CA GLU A 319 5.31 -41.88 6.57
C GLU A 319 4.14 -41.00 7.00
N GLY A 320 4.28 -39.68 6.86
CA GLY A 320 3.18 -38.80 7.20
C GLY A 320 1.99 -38.97 6.28
N LEU A 321 2.23 -39.10 4.98
CA LEU A 321 1.14 -39.27 4.03
C LEU A 321 0.39 -40.57 4.28
N GLU A 322 1.09 -41.62 4.73
CA GLU A 322 0.42 -42.86 5.05
C GLU A 322 -0.55 -42.69 6.21
N ASP A 323 -0.18 -41.86 7.20
CA ASP A 323 -1.12 -41.57 8.28
C ASP A 323 -2.30 -40.75 7.78
N ALA A 324 -2.05 -39.80 6.86
CA ALA A 324 -3.15 -39.04 6.28
C ALA A 324 -4.00 -39.92 5.37
N ALA A 325 -3.40 -40.93 4.74
CA ALA A 325 -4.13 -41.76 3.80
C ALA A 325 -5.24 -42.53 4.48
N ILE A 326 -5.01 -42.97 5.72
CA ILE A 326 -6.02 -43.70 6.47
C ILE A 326 -7.25 -42.82 6.70
N ILE A 327 -7.03 -41.56 7.05
CA ILE A 327 -8.16 -40.65 7.28
C ILE A 327 -8.87 -40.34 5.97
N ALA A 328 -8.10 -40.03 4.92
CA ALA A 328 -8.67 -39.58 3.66
C ALA A 328 -9.56 -40.67 3.04
N ARG A 329 -9.05 -41.90 3.00
CA ARG A 329 -9.84 -42.99 2.42
C ARG A 329 -11.08 -43.28 3.25
N SER A 330 -10.99 -43.15 4.58
CA SER A 330 -12.18 -43.29 5.41
C SER A 330 -13.19 -42.20 5.10
N ALA A 331 -12.72 -40.97 4.92
CA ALA A 331 -13.64 -39.84 4.74
C ALA A 331 -14.31 -39.88 3.37
N LEU A 332 -13.58 -40.31 2.34
CA LEU A 332 -14.17 -40.40 1.00
C LEU A 332 -15.13 -41.58 0.87
N ALA A 333 -14.91 -42.65 1.64
CA ALA A 333 -15.81 -43.81 1.60
C ALA A 333 -16.89 -43.76 2.67
N SER A 334 -16.74 -42.94 3.70
CA SER A 334 -17.78 -42.81 4.71
C SER A 334 -19.01 -42.14 4.12
N GLN A 335 -20.18 -42.75 4.34
CA GLN A 335 -21.44 -42.16 3.93
C GLN A 335 -22.22 -41.60 5.12
N ASP A 336 -21.60 -41.55 6.30
CA ASP A 336 -22.18 -40.87 7.45
C ASP A 336 -21.73 -39.42 7.42
N PRO A 337 -22.63 -38.46 7.13
CA PRO A 337 -22.19 -37.05 7.08
C PRO A 337 -21.60 -36.56 8.40
N LYS A 338 -22.01 -37.13 9.53
CA LYS A 338 -21.41 -36.74 10.80
C LYS A 338 -19.98 -37.27 10.92
N GLU A 339 -19.73 -38.48 10.41
CA GLU A 339 -18.40 -39.05 10.49
C GLU A 339 -17.52 -38.55 9.36
N SER A 340 -18.09 -38.37 8.16
CA SER A 340 -17.29 -37.98 7.00
C SER A 340 -16.73 -36.58 7.15
N ALA A 341 -17.58 -35.61 7.47
CA ALA A 341 -17.10 -34.24 7.66
C ALA A 341 -16.18 -34.12 8.87
N GLU A 342 -16.41 -34.93 9.90
CA GLU A 342 -15.49 -34.96 11.04
C GLU A 342 -14.15 -35.55 10.64
N LEU A 343 -14.16 -36.57 9.77
CA LEU A 343 -12.92 -37.22 9.36
C LEU A 343 -11.99 -36.25 8.65
N TRP A 344 -12.53 -35.45 7.72
CA TRP A 344 -11.70 -34.48 7.01
C TRP A 344 -11.06 -33.47 7.96
N ARG A 345 -11.82 -33.03 8.97
CA ARG A 345 -11.30 -32.04 9.91
C ARG A 345 -10.15 -32.57 10.73
N LYS A 346 -10.06 -33.89 10.93
CA LYS A 346 -8.86 -34.46 11.53
C LYS A 346 -7.66 -34.27 10.63
N LEU A 347 -7.88 -34.18 9.31
CA LEU A 347 -6.81 -33.98 8.35
C LEU A 347 -6.54 -32.51 8.09
N PHE A 348 -7.60 -31.68 8.06
CA PHE A 348 -7.49 -30.29 7.62
C PHE A 348 -7.68 -29.27 8.73
N GLY A 349 -8.10 -29.68 9.92
CA GLY A 349 -8.36 -28.73 10.97
C GLY A 349 -9.77 -28.18 10.90
N THR A 350 -9.99 -27.10 11.64
CA THR A 350 -11.33 -26.55 11.77
C THR A 350 -11.82 -25.85 10.51
N LYS A 351 -10.91 -25.44 9.62
CA LYS A 351 -11.31 -24.66 8.46
C LYS A 351 -12.16 -25.45 7.48
N PHE A 352 -12.09 -26.77 7.53
CA PHE A 352 -12.98 -27.61 6.73
C PHE A 352 -14.33 -27.69 7.41
N PRO A 353 -15.41 -27.21 6.78
CA PRO A 353 -16.68 -27.06 7.47
C PRO A 353 -17.59 -28.29 7.35
N PHE A 354 -18.65 -28.26 8.14
CA PHE A 354 -19.67 -29.31 8.16
C PHE A 354 -20.69 -29.08 7.05
N PRO A 355 -21.60 -30.03 6.81
CA PRO A 355 -22.63 -29.79 5.78
C PRO A 355 -23.51 -28.57 6.08
N ASN B 5 17.92 32.27 1.04
CA ASN B 5 17.19 32.05 -0.21
C ASN B 5 17.34 30.60 -0.67
N SER B 6 18.57 30.18 -0.94
CA SER B 6 18.84 28.81 -1.35
C SER B 6 19.03 27.89 -0.15
N GLN B 7 19.57 28.40 0.95
CA GLN B 7 19.54 27.65 2.20
C GLN B 7 18.11 27.42 2.65
N PHE B 8 17.19 28.32 2.29
CA PHE B 8 15.80 28.16 2.71
C PHE B 8 15.09 27.08 1.90
N ASN B 9 15.40 26.98 0.61
CA ASN B 9 14.76 25.97 -0.22
C ASN B 9 15.35 24.58 0.02
N ALA B 10 16.63 24.49 0.35
CA ALA B 10 17.21 23.21 0.73
C ALA B 10 16.73 22.77 2.10
N PHE B 11 16.37 23.73 2.97
CA PHE B 11 15.80 23.39 4.26
C PHE B 11 14.35 22.95 4.15
N LEU B 12 13.64 23.41 3.11
CA LEU B 12 12.24 23.03 2.95
C LEU B 12 12.08 21.65 2.33
N THR B 13 12.95 21.29 1.37
CA THR B 13 12.91 19.95 0.81
C THR B 13 13.25 18.90 1.87
N ASN B 14 14.09 19.25 2.85
CA ASN B 14 14.45 18.32 3.90
C ASN B 14 13.38 18.18 4.98
N ILE B 15 12.37 19.06 4.99
CA ILE B 15 11.31 19.01 5.98
C ILE B 15 9.94 18.72 5.38
N ARG B 16 9.77 18.82 4.07
CA ARG B 16 8.50 18.45 3.46
C ARG B 16 8.33 16.93 3.53
N PRO B 17 7.08 16.45 3.51
CA PRO B 17 6.86 15.00 3.46
C PRO B 17 7.51 14.40 2.22
N THR B 18 7.94 13.14 2.36
CA THR B 18 8.72 12.51 1.29
C THR B 18 7.83 12.07 0.14
N ASP B 19 8.45 11.85 -1.02
CA ASP B 19 7.69 11.38 -2.17
C ASP B 19 7.08 9.99 -1.96
N PRO B 20 7.74 9.01 -1.34
CA PRO B 20 7.02 7.75 -1.08
C PRO B 20 5.89 7.91 -0.10
N GLN B 21 6.05 8.78 0.91
CA GLN B 21 4.90 9.19 1.72
C GLN B 21 3.84 9.85 0.84
N LYS B 22 4.27 10.76 -0.03
CA LYS B 22 3.35 11.50 -0.87
C LYS B 22 2.54 10.56 -1.76
N GLU B 23 3.22 9.76 -2.60
CA GLU B 23 2.54 8.85 -3.49
C GLU B 23 1.74 7.78 -2.77
N ASP B 24 1.92 7.61 -1.47
CA ASP B 24 1.13 6.67 -0.70
C ASP B 24 -0.21 7.24 -0.24
N TRP B 25 -0.27 8.53 0.12
CA TRP B 25 -1.56 9.12 0.47
C TRP B 25 -2.37 9.49 -0.77
N LYS B 26 -1.73 9.65 -1.93
CA LYS B 26 -2.49 9.88 -3.16
C LYS B 26 -3.17 8.60 -3.64
N GLY B 27 -2.41 7.50 -3.71
CA GLY B 27 -3.02 6.23 -4.09
C GLY B 27 -3.97 5.71 -3.03
N GLY B 28 -3.63 5.93 -1.75
CA GLY B 28 -4.49 5.46 -0.68
C GLY B 28 -5.82 6.21 -0.62
N ALA B 29 -5.78 7.53 -0.72
CA ALA B 29 -7.01 8.30 -0.78
C ALA B 29 -7.83 7.94 -2.01
N LYS B 30 -7.15 7.72 -3.14
CA LYS B 30 -7.86 7.41 -4.37
C LYS B 30 -8.36 5.97 -4.40
N THR B 31 -7.69 5.06 -3.70
CA THR B 31 -8.20 3.70 -3.61
C THR B 31 -9.38 3.63 -2.65
N LEU B 32 -9.33 4.39 -1.55
CA LEU B 32 -10.44 4.44 -0.63
C LEU B 32 -11.68 5.04 -1.28
N ARG B 33 -11.49 6.04 -2.15
CA ARG B 33 -12.62 6.64 -2.86
C ARG B 33 -13.30 5.64 -3.77
N GLU B 34 -12.53 4.85 -4.51
CA GLU B 34 -13.12 3.82 -5.37
C GLU B 34 -13.87 2.79 -4.55
N ARG B 35 -13.29 2.36 -3.42
CA ARG B 35 -13.93 1.33 -2.61
C ARG B 35 -15.22 1.83 -1.96
N LEU B 36 -15.27 3.12 -1.58
CA LEU B 36 -16.51 3.66 -1.04
C LEU B 36 -17.56 3.87 -2.14
N ASN B 37 -17.13 4.23 -3.36
CA ASN B 37 -18.08 4.46 -4.43
C ASN B 37 -18.71 3.16 -4.93
N ASN B 38 -18.02 2.04 -4.77
CA ASN B 38 -18.49 0.76 -5.30
C ASN B 38 -18.96 -0.20 -4.23
N TYR B 39 -18.88 0.18 -2.95
CA TYR B 39 -19.36 -0.69 -1.87
C TYR B 39 -20.88 -0.56 -1.79
N GLU B 40 -21.58 -1.67 -2.06
CA GLU B 40 -23.03 -1.63 -2.27
C GLU B 40 -23.81 -0.96 -1.14
N PRO B 41 -23.60 -1.28 0.14
CA PRO B 41 -24.39 -0.60 1.19
C PRO B 41 -24.14 0.90 1.26
N LEU B 42 -22.93 1.35 0.95
CA LEU B 42 -22.57 2.76 1.08
C LEU B 42 -22.51 3.49 -0.26
N LYS B 43 -22.98 2.86 -1.33
CA LYS B 43 -23.01 3.51 -2.64
C LYS B 43 -23.87 4.77 -2.60
N ASP B 44 -25.15 4.62 -2.23
CA ASP B 44 -26.06 5.76 -2.22
C ASP B 44 -25.85 6.70 -1.02
N ILE B 45 -25.12 6.25 0.01
CA ILE B 45 -24.88 7.12 1.16
C ILE B 45 -23.73 8.07 0.88
N VAL B 46 -22.65 7.59 0.26
CA VAL B 46 -21.43 8.36 0.13
C VAL B 46 -21.59 9.37 -1.02
N VAL B 47 -21.39 10.64 -0.70
CA VAL B 47 -21.40 11.69 -1.71
C VAL B 47 -20.01 12.01 -2.22
N SER B 48 -19.01 12.00 -1.34
CA SER B 48 -17.69 12.45 -1.72
C SER B 48 -16.68 11.97 -0.69
N THR B 49 -15.45 11.73 -1.15
CA THR B 49 -14.31 11.41 -0.30
C THR B 49 -13.16 12.29 -0.77
N PHE B 50 -12.75 13.25 0.04
CA PHE B 50 -11.74 14.20 -0.41
C PHE B 50 -10.64 14.39 0.63
N LEU B 51 -9.47 14.74 0.14
CA LEU B 51 -8.31 15.01 0.98
C LEU B 51 -8.50 16.33 1.71
N GLN B 52 -7.86 16.44 2.87
CA GLN B 52 -7.96 17.65 3.67
C GLN B 52 -6.79 17.67 4.65
N GLY B 53 -6.75 18.70 5.48
CA GLY B 53 -5.71 18.81 6.47
C GLY B 53 -4.48 19.53 5.95
N SER B 54 -3.43 19.49 6.77
CA SER B 54 -2.15 20.06 6.37
C SER B 54 -1.53 19.35 5.18
N ILE B 55 -1.88 18.08 4.94
CA ILE B 55 -1.37 17.37 3.77
C ILE B 55 -1.87 18.04 2.50
N ARG B 56 -3.15 18.40 2.46
CA ARG B 56 -3.70 19.03 1.26
C ARG B 56 -3.29 20.49 1.14
N ARG B 57 -3.19 21.20 2.25
CA ARG B 57 -2.84 22.62 2.25
C ARG B 57 -1.33 22.86 2.17
N SER B 58 -0.54 21.79 2.12
CA SER B 58 0.93 21.92 2.02
C SER B 58 1.50 22.64 3.24
N THR B 59 0.97 22.34 4.42
CA THR B 59 1.47 22.88 5.68
C THR B 59 1.83 21.77 6.64
N ALA B 60 2.20 20.60 6.12
CA ALA B 60 2.57 19.46 6.92
C ALA B 60 4.08 19.22 6.80
N ILE B 61 4.71 18.92 7.93
CA ILE B 61 6.14 18.66 7.96
C ILE B 61 6.38 17.16 8.07
N ARG B 62 7.57 16.74 7.67
CA ARG B 62 7.94 15.34 7.75
C ARG B 62 8.11 14.92 9.21
N PRO B 63 7.35 13.95 9.70
CA PRO B 63 7.54 13.51 11.09
C PRO B 63 8.91 12.89 11.31
N LEU B 64 9.45 13.10 12.51
CA LEU B 64 10.78 12.60 12.84
C LEU B 64 10.79 11.07 12.88
N ASN B 65 12.01 10.53 12.81
CA ASN B 65 12.25 9.08 12.79
C ASN B 65 11.51 8.51 11.59
N GLY B 66 10.78 7.41 11.73
CA GLY B 66 10.04 6.85 10.61
C GLY B 66 8.55 6.92 10.81
N LYS B 67 8.10 7.84 11.65
CA LYS B 67 6.68 7.97 11.94
C LYS B 67 5.90 8.28 10.67
N ARG B 68 4.71 7.70 10.57
CA ARG B 68 3.84 7.97 9.44
C ARG B 68 3.13 9.30 9.61
N PRO B 69 3.09 10.14 8.58
CA PRO B 69 2.38 11.42 8.70
C PRO B 69 0.88 11.24 8.79
N ASP B 70 0.23 12.20 9.45
CA ASP B 70 -1.22 12.23 9.58
C ASP B 70 -1.83 12.80 8.32
N VAL B 71 -2.62 11.98 7.63
CA VAL B 71 -3.28 12.38 6.39
C VAL B 71 -4.79 12.37 6.63
N ASP B 72 -5.41 13.54 6.55
CA ASP B 72 -6.82 13.69 6.88
C ASP B 72 -7.68 13.61 5.63
N ILE B 73 -8.78 12.86 5.71
CA ILE B 73 -9.67 12.63 4.59
C ILE B 73 -11.11 12.73 5.09
N VAL B 74 -11.95 13.45 4.35
CA VAL B 74 -13.34 13.65 4.71
C VAL B 74 -14.22 12.81 3.81
N VAL B 75 -15.12 12.03 4.41
CA VAL B 75 -16.16 11.32 3.69
C VAL B 75 -17.47 12.08 3.88
N VAL B 76 -18.04 12.58 2.80
CA VAL B 76 -19.28 13.34 2.83
C VAL B 76 -20.41 12.38 2.51
N THR B 77 -21.25 12.10 3.51
CA THR B 77 -22.45 11.30 3.32
C THR B 77 -23.66 12.19 3.11
N ASN B 78 -24.68 11.63 2.45
CA ASN B 78 -25.96 12.32 2.29
C ASN B 78 -26.95 11.99 3.40
N LEU B 79 -26.45 11.62 4.57
CA LEU B 79 -27.32 11.27 5.68
C LEU B 79 -27.96 12.51 6.28
N ASP B 80 -29.17 12.33 6.80
CA ASP B 80 -29.86 13.40 7.53
C ASP B 80 -29.29 13.43 8.94
N HIS B 81 -28.40 14.39 9.20
CA HIS B 81 -27.77 14.51 10.50
C HIS B 81 -28.75 14.83 11.62
N ASN B 82 -29.97 15.27 11.29
CA ASN B 82 -31.00 15.53 12.29
C ASN B 82 -31.79 14.30 12.67
N GLN B 83 -31.44 13.13 12.13
CA GLN B 83 -32.08 11.88 12.53
C GLN B 83 -31.10 10.74 12.74
N ILE B 84 -29.80 10.93 12.49
CA ILE B 84 -28.79 9.89 12.68
C ILE B 84 -27.61 10.54 13.39
N ALA B 85 -27.29 10.03 14.59
CA ALA B 85 -26.23 10.60 15.42
C ALA B 85 -24.85 10.17 14.91
N PRO B 86 -23.80 10.91 15.27
CA PRO B 86 -22.47 10.62 14.71
C PRO B 86 -22.00 9.18 14.94
N GLN B 87 -22.35 8.59 16.08
CA GLN B 87 -21.97 7.21 16.33
C GLN B 87 -22.70 6.27 15.37
N GLU B 88 -24.01 6.50 15.19
CA GLU B 88 -24.77 5.69 14.24
C GLU B 88 -24.20 5.78 12.83
N ALA B 89 -23.86 6.99 12.40
CA ALA B 89 -23.33 7.16 11.04
C ALA B 89 -21.96 6.50 10.90
N MET B 90 -21.12 6.59 11.93
CA MET B 90 -19.80 5.99 11.85
C MET B 90 -19.87 4.47 11.89
N ASP B 91 -20.86 3.91 12.59
CA ASP B 91 -21.01 2.47 12.67
C ASP B 91 -21.36 1.85 11.32
N LEU B 92 -21.94 2.63 10.41
CA LEU B 92 -22.25 2.12 9.08
C LEU B 92 -21.01 1.80 8.28
N PHE B 93 -19.88 2.43 8.59
CA PHE B 93 -18.62 2.20 7.90
C PHE B 93 -17.79 1.09 8.54
N VAL B 94 -18.23 0.56 9.68
CA VAL B 94 -17.51 -0.55 10.30
C VAL B 94 -17.45 -1.78 9.41
N PRO B 95 -18.55 -2.24 8.77
CA PRO B 95 -18.41 -3.40 7.88
C PRO B 95 -17.54 -3.12 6.67
N PHE B 96 -17.61 -1.92 6.11
CA PHE B 96 -16.72 -1.53 5.02
C PHE B 96 -15.26 -1.62 5.46
N LEU B 97 -14.94 -1.04 6.62
CA LEU B 97 -13.57 -1.02 7.09
C LEU B 97 -13.05 -2.43 7.37
N GLU B 98 -13.90 -3.32 7.88
CA GLU B 98 -13.47 -4.69 8.14
C GLU B 98 -13.20 -5.44 6.85
N LYS B 99 -14.01 -5.19 5.82
CA LYS B 99 -13.83 -5.86 4.53
C LYS B 99 -12.52 -5.42 3.87
N TYR B 100 -12.36 -4.12 3.64
CA TYR B 100 -11.26 -3.64 2.83
C TYR B 100 -10.00 -3.33 3.62
N TYR B 101 -10.09 -3.15 4.93
CA TYR B 101 -8.93 -2.82 5.76
C TYR B 101 -8.89 -3.69 7.01
N PRO B 102 -8.75 -5.01 6.84
CA PRO B 102 -8.73 -5.90 8.01
C PRO B 102 -7.52 -5.63 8.89
N GLU B 103 -7.79 -5.27 10.14
CA GLU B 103 -6.75 -5.13 11.16
C GLU B 103 -5.73 -4.06 10.78
N LYS B 104 -6.20 -3.02 10.09
CA LYS B 104 -5.39 -1.85 9.83
C LYS B 104 -6.12 -0.56 10.19
N TRP B 105 -7.33 -0.64 10.73
CA TRP B 105 -8.13 0.51 11.09
C TRP B 105 -8.53 0.41 12.56
N VAL B 106 -8.54 1.53 13.25
CA VAL B 106 -9.02 1.58 14.63
C VAL B 106 -9.94 2.79 14.80
N PRO B 107 -11.02 2.68 15.54
CA PRO B 107 -11.82 3.87 15.85
C PRO B 107 -11.09 4.74 16.87
N GLN B 108 -11.05 6.05 16.60
CA GLN B 108 -10.39 7.00 17.48
C GLN B 108 -11.36 8.16 17.77
N GLY B 109 -12.43 7.84 18.49
CA GLY B 109 -13.39 8.84 18.89
C GLY B 109 -14.30 9.32 17.77
N ARG B 110 -13.99 10.49 17.20
CA ARG B 110 -14.79 11.08 16.15
C ARG B 110 -14.29 10.72 14.75
N SER B 111 -13.17 10.00 14.65
CA SER B 111 -12.58 9.68 13.36
C SER B 111 -12.13 8.23 13.35
N PHE B 112 -11.80 7.76 12.16
CA PHE B 112 -11.20 6.44 11.96
C PHE B 112 -9.75 6.62 11.54
N GLY B 113 -8.89 5.76 12.07
CA GLY B 113 -7.49 5.77 11.69
C GLY B 113 -7.16 4.55 10.85
N ILE B 114 -6.72 4.75 9.61
CA ILE B 114 -6.31 3.67 8.73
C ILE B 114 -4.80 3.73 8.56
N THR B 115 -4.14 2.61 8.78
CA THR B 115 -2.69 2.53 8.69
C THR B 115 -2.29 1.97 7.33
N LEU B 116 -1.70 2.82 6.50
CA LEU B 116 -1.10 2.37 5.25
C LEU B 116 0.37 2.06 5.49
N SER B 117 1.12 1.81 4.42
CA SER B 117 2.54 1.51 4.57
C SER B 117 3.31 2.71 5.10
N TYR B 118 3.13 3.87 4.47
CA TYR B 118 3.92 5.05 4.81
C TYR B 118 3.13 6.17 5.46
N VAL B 119 1.80 6.14 5.38
CA VAL B 119 0.97 7.21 5.92
C VAL B 119 -0.14 6.60 6.76
N GLU B 120 -0.65 7.41 7.69
CA GLU B 120 -1.77 7.03 8.54
C GLU B 120 -2.97 7.88 8.13
N LEU B 121 -4.03 7.23 7.67
CA LEU B 121 -5.22 7.96 7.23
C LEU B 121 -6.10 8.28 8.43
N ASP B 122 -6.54 9.52 8.51
CA ASP B 122 -7.45 9.98 9.56
C ASP B 122 -8.78 10.30 8.90
N LEU B 123 -9.76 9.42 9.08
CA LEU B 123 -11.02 9.46 8.36
C LEU B 123 -12.11 10.07 9.23
N VAL B 124 -12.74 11.12 8.73
CA VAL B 124 -13.89 11.74 9.40
C VAL B 124 -15.12 11.51 8.53
N ILE B 125 -16.19 11.03 9.16
CA ILE B 125 -17.47 10.85 8.47
C ILE B 125 -18.30 12.10 8.69
N THR B 126 -18.71 12.74 7.60
CA THR B 126 -19.43 14.00 7.65
C THR B 126 -20.78 13.89 6.95
N ALA B 127 -21.68 14.80 7.33
CA ALA B 127 -22.98 14.95 6.69
C ALA B 127 -23.17 16.40 6.31
N ILE B 128 -24.14 16.66 5.45
CA ILE B 128 -24.46 18.00 4.98
C ILE B 128 -25.68 18.49 5.76
N PRO B 129 -25.59 19.61 6.47
CA PRO B 129 -26.69 20.03 7.35
C PRO B 129 -27.91 20.54 6.59
N ALA B 130 -28.00 20.28 5.30
CA ALA B 130 -29.14 20.67 4.50
C ALA B 130 -30.03 19.46 4.24
N SER B 131 -31.12 19.68 3.49
CA SER B 131 -32.05 18.60 3.17
C SER B 131 -32.82 18.98 1.92
N GLY B 132 -33.45 17.98 1.32
CA GLY B 132 -34.35 18.23 0.20
C GLY B 132 -33.64 18.87 -0.97
N GLU B 133 -34.26 19.91 -1.54
CA GLU B 133 -33.68 20.60 -2.69
C GLU B 133 -32.34 21.23 -2.33
N GLU B 134 -32.22 21.77 -1.12
CA GLU B 134 -30.98 22.44 -0.73
C GLU B 134 -29.82 21.46 -0.67
N LYS B 135 -30.11 20.18 -0.43
CA LYS B 135 -29.03 19.19 -0.36
C LYS B 135 -28.50 18.85 -1.74
N ASN B 136 -29.34 18.97 -2.78
CA ASN B 136 -28.88 18.69 -4.14
C ASN B 136 -27.81 19.68 -4.58
N LEU B 137 -28.02 20.96 -4.32
CA LEU B 137 -27.14 22.00 -4.86
C LEU B 137 -25.80 22.04 -4.15
N LEU B 138 -25.78 21.73 -2.85
CA LEU B 138 -24.53 21.80 -2.11
C LEU B 138 -23.61 20.61 -2.38
N GLU B 139 -24.16 19.48 -2.81
CA GLU B 139 -23.33 18.31 -3.10
C GLU B 139 -22.49 18.51 -4.36
N GLN B 140 -23.00 19.24 -5.34
CA GLN B 140 -22.34 19.34 -6.64
C GLN B 140 -20.94 19.91 -6.53
N LEU B 141 -20.71 20.80 -5.55
CA LEU B 141 -19.35 21.26 -5.29
C LEU B 141 -18.48 20.13 -4.77
N TYR B 142 -18.98 19.36 -3.80
CA TYR B 142 -18.23 18.25 -3.23
C TYR B 142 -17.98 17.13 -4.24
N ARG B 143 -18.59 17.17 -5.43
CA ARG B 143 -18.36 16.16 -6.45
C ARG B 143 -17.47 16.66 -7.59
N SER B 144 -16.94 17.87 -7.50
CA SER B 144 -16.15 18.46 -8.57
C SER B 144 -14.67 18.18 -8.37
N GLU B 145 -13.91 18.34 -9.46
CA GLU B 145 -12.46 18.13 -9.41
C GLU B 145 -11.78 19.05 -8.41
N SER B 146 -12.36 20.23 -8.17
CA SER B 146 -11.78 21.15 -7.19
C SER B 146 -11.72 20.51 -5.81
N VAL B 147 -12.71 19.71 -5.47
CA VAL B 147 -12.72 19.04 -4.18
C VAL B 147 -12.05 17.67 -4.24
N LEU B 148 -12.19 16.96 -5.36
CA LEU B 148 -11.75 15.58 -5.49
C LEU B 148 -10.27 15.45 -5.84
N THR B 149 -9.55 16.54 -6.07
CA THR B 149 -8.14 16.45 -6.38
C THR B 149 -7.36 15.93 -5.17
N VAL B 150 -6.38 15.07 -5.43
CA VAL B 150 -5.48 14.56 -4.41
C VAL B 150 -4.14 15.29 -4.42
N ASN B 151 -3.99 16.28 -5.28
CA ASN B 151 -2.81 17.14 -5.26
C ASN B 151 -2.95 18.20 -4.18
N SER B 152 -1.80 18.70 -3.73
CA SER B 152 -1.74 19.72 -2.69
C SER B 152 -1.62 21.11 -3.30
N LEU B 153 -1.82 22.12 -2.45
CA LEU B 153 -1.81 23.50 -2.92
C LEU B 153 -0.48 23.89 -3.53
N GLU B 154 0.62 23.38 -2.96
CA GLU B 154 1.94 23.66 -3.51
C GLU B 154 2.08 23.13 -4.93
N GLU B 155 1.43 22.01 -5.23
CA GLU B 155 1.50 21.41 -6.56
C GLU B 155 0.58 22.08 -7.55
N GLN B 156 -0.49 22.72 -7.08
CA GLN B 156 -1.47 23.40 -7.94
C GLN B 156 -1.58 24.84 -7.45
N LYS B 157 -0.68 25.70 -7.95
CA LYS B 157 -0.71 27.10 -7.56
C LYS B 157 -1.98 27.81 -8.03
N ASP B 158 -2.68 27.25 -9.01
CA ASP B 158 -3.85 27.88 -9.62
C ASP B 158 -5.16 27.22 -9.18
N TRP B 159 -5.18 26.59 -8.01
CA TRP B 159 -6.38 25.91 -7.55
C TRP B 159 -7.43 26.92 -7.09
N ARG B 160 -8.68 26.64 -7.40
CA ARG B 160 -9.79 27.48 -6.95
C ARG B 160 -10.91 26.60 -6.40
N LEU B 161 -11.64 27.14 -5.43
CA LEU B 161 -12.80 26.43 -4.86
C LEU B 161 -14.02 26.73 -5.71
N ASN B 162 -14.06 26.09 -6.89
CA ASN B 162 -15.12 26.34 -7.87
C ASN B 162 -15.54 25.02 -8.49
N LYS B 163 -16.85 24.86 -8.70
CA LYS B 163 -17.35 23.67 -9.40
C LYS B 163 -16.78 23.55 -10.80
N SER B 164 -16.29 24.65 -11.37
CA SER B 164 -15.84 24.68 -12.76
C SER B 164 -14.32 24.73 -12.88
N TRP B 165 -13.59 24.47 -11.80
CA TRP B 165 -12.14 24.47 -11.85
C TRP B 165 -11.64 23.10 -12.31
N LYS B 166 -10.73 23.09 -13.28
CA LYS B 166 -10.10 21.90 -13.79
C LYS B 166 -8.58 22.02 -13.70
N PRO B 167 -7.88 20.92 -13.44
CA PRO B 167 -6.42 20.99 -13.34
C PRO B 167 -5.77 21.23 -14.70
N SER B 168 -4.51 21.67 -14.65
CA SER B 168 -3.74 22.04 -15.83
C SER B 168 -2.32 21.50 -15.67
N GLU B 169 -2.18 20.17 -15.77
CA GLU B 169 -0.89 19.49 -15.66
C GLU B 169 -0.16 19.86 -14.37
N ILE B 180 -9.55 30.48 -14.02
CA ILE B 180 -10.71 30.59 -13.17
C ILE B 180 -10.32 31.19 -11.82
N GLN B 181 -11.20 31.99 -11.25
CA GLN B 181 -11.03 32.56 -9.91
C GLN B 181 -12.03 31.90 -8.96
N ASP B 182 -11.82 32.11 -7.67
CA ASP B 182 -12.60 31.42 -6.66
C ASP B 182 -14.08 31.76 -6.76
N ALA B 183 -14.92 30.80 -6.38
CA ALA B 183 -16.35 30.94 -6.55
C ALA B 183 -16.92 31.99 -5.59
N PRO B 184 -18.02 32.63 -5.96
CA PRO B 184 -18.63 33.62 -5.06
C PRO B 184 -19.02 33.02 -3.71
N LEU B 185 -18.97 33.87 -2.68
CA LEU B 185 -19.26 33.45 -1.31
C LEU B 185 -20.68 32.92 -1.14
N SER B 186 -21.64 33.37 -1.95
CA SER B 186 -23.02 32.89 -1.86
C SER B 186 -23.17 31.40 -2.13
N GLU B 187 -22.11 30.67 -2.49
CA GLU B 187 -22.20 29.25 -2.79
C GLU B 187 -21.66 28.36 -1.67
N TRP B 188 -20.63 28.79 -0.95
CA TRP B 188 -19.95 27.92 0.01
C TRP B 188 -19.65 28.55 1.36
N LYS B 189 -19.71 29.88 1.51
CA LYS B 189 -19.22 30.50 2.73
C LYS B 189 -20.00 30.04 3.96
N ALA B 190 -21.31 30.31 3.98
CA ALA B 190 -22.16 29.95 5.11
C ALA B 190 -22.69 28.53 5.03
N HIS B 191 -21.94 27.62 4.43
CA HIS B 191 -22.37 26.24 4.23
C HIS B 191 -21.26 25.28 4.61
N PRO B 192 -21.12 24.97 5.88
CA PRO B 192 -20.13 23.98 6.33
C PRO B 192 -20.75 22.59 6.42
N LEU B 193 -19.89 21.60 6.61
CA LEU B 193 -20.32 20.24 6.88
C LEU B 193 -20.49 20.05 8.38
N VAL B 194 -21.14 18.95 8.76
CA VAL B 194 -21.24 18.55 10.15
C VAL B 194 -20.38 17.31 10.36
N LEU B 195 -19.74 17.23 11.52
CA LEU B 195 -18.76 16.20 11.84
C LEU B 195 -18.90 15.88 13.32
N PRO B 196 -18.44 14.71 13.76
CA PRO B 196 -18.65 14.32 15.16
C PRO B 196 -17.83 15.17 16.11
N ASP B 197 -18.42 15.46 17.27
CA ASP B 197 -17.70 16.14 18.34
C ASP B 197 -16.52 15.28 18.80
N ARG B 198 -15.50 15.94 19.35
CA ARG B 198 -14.29 15.22 19.75
C ARG B 198 -14.60 14.16 20.82
N ASP B 199 -15.56 14.44 21.70
CA ASP B 199 -15.85 13.54 22.81
C ASP B 199 -17.34 13.27 23.02
N GLU B 200 -18.24 14.10 22.50
CA GLU B 200 -19.67 13.89 22.63
C GLU B 200 -20.24 13.34 21.33
N ASN B 201 -21.44 12.76 21.42
CA ASN B 201 -22.14 12.21 20.27
C ASN B 201 -23.05 13.26 19.64
N LYS B 202 -22.51 14.45 19.45
CA LYS B 202 -23.22 15.58 18.88
C LYS B 202 -22.50 16.04 17.61
N TRP B 203 -23.27 16.45 16.61
CA TRP B 203 -22.69 16.96 15.38
C TRP B 203 -22.14 18.36 15.59
N GLY B 204 -20.86 18.54 15.25
CA GLY B 204 -20.25 19.86 15.23
C GLY B 204 -20.27 20.44 13.82
N ARG B 205 -19.63 21.59 13.69
CA ARG B 205 -19.55 22.30 12.42
C ARG B 205 -18.08 22.43 12.00
N THR B 206 -17.80 22.10 10.75
CA THR B 206 -16.48 22.31 10.17
C THR B 206 -16.65 22.73 8.71
N HIS B 207 -15.71 23.54 8.24
CA HIS B 207 -15.68 23.96 6.83
C HIS B 207 -14.26 23.80 6.32
N PRO B 208 -13.83 22.56 6.07
CA PRO B 208 -12.46 22.36 5.58
C PRO B 208 -12.20 23.03 4.24
N LEU B 209 -13.18 22.99 3.33
CA LEU B 209 -13.00 23.61 2.02
C LEU B 209 -12.69 25.10 2.16
N ALA B 210 -13.40 25.80 3.06
CA ALA B 210 -13.14 27.22 3.25
C ALA B 210 -11.73 27.44 3.80
N GLN B 211 -11.31 26.60 4.75
CA GLN B 211 -9.95 26.71 5.26
C GLN B 211 -8.91 26.47 4.17
N ILE B 212 -9.21 25.55 3.23
CA ILE B 212 -8.29 25.30 2.13
C ILE B 212 -8.22 26.50 1.20
N ARG B 213 -9.37 27.14 0.95
CA ARG B 213 -9.38 28.25 0.00
C ARG B 213 -8.78 29.51 0.59
N TRP B 214 -8.89 29.71 1.91
CA TRP B 214 -8.22 30.83 2.54
C TRP B 214 -6.71 30.63 2.52
N THR B 215 -6.24 29.39 2.73
CA THR B 215 -4.81 29.11 2.68
C THR B 215 -4.25 29.37 1.27
N ALA B 216 -4.96 28.92 0.24
CA ALA B 216 -4.50 29.17 -1.13
C ALA B 216 -4.46 30.66 -1.43
N GLU B 217 -5.54 31.38 -1.11
CA GLU B 217 -5.57 32.82 -1.33
C GLU B 217 -4.48 33.53 -0.55
N LYS B 218 -4.27 33.14 0.71
CA LYS B 218 -3.19 33.72 1.51
C LYS B 218 -1.83 33.41 0.91
N ASN B 219 -1.67 32.20 0.35
CA ASN B 219 -0.40 31.84 -0.25
C ASN B 219 -0.09 32.69 -1.47
N ARG B 220 -1.11 32.97 -2.29
CA ARG B 220 -0.90 33.85 -3.44
C ARG B 220 -0.56 35.27 -3.01
N ALA B 221 -1.15 35.74 -1.90
CA ALA B 221 -0.90 37.11 -1.48
C ALA B 221 0.49 37.28 -0.90
N CYS B 222 1.06 36.22 -0.32
CA CYS B 222 2.41 36.25 0.23
C CYS B 222 3.45 35.69 -0.73
N ASN B 223 3.09 35.51 -2.01
CA ASN B 223 4.03 35.09 -3.05
C ASN B 223 4.60 33.70 -2.76
N GLY B 224 3.73 32.78 -2.35
CA GLY B 224 4.09 31.38 -2.21
C GLY B 224 4.85 31.00 -0.95
N HIS B 225 5.22 31.97 -0.12
CA HIS B 225 6.01 31.68 1.08
C HIS B 225 5.15 31.32 2.29
N TYR B 226 3.84 31.51 2.22
CA TYR B 226 3.00 31.27 3.39
C TYR B 226 3.07 29.81 3.83
N ILE B 227 2.80 28.87 2.91
CA ILE B 227 2.76 27.46 3.31
C ILE B 227 4.13 26.97 3.77
N ASN B 228 5.20 27.49 3.16
CA ASN B 228 6.55 27.12 3.54
C ASN B 228 7.01 27.74 4.86
N LEU B 229 6.46 28.90 5.22
CA LEU B 229 6.74 29.48 6.53
C LEU B 229 6.00 28.75 7.65
N VAL B 230 4.80 28.22 7.37
CA VAL B 230 4.12 27.40 8.36
C VAL B 230 4.90 26.12 8.62
N ARG B 231 5.55 25.57 7.59
CA ARG B 231 6.35 24.37 7.79
C ARG B 231 7.64 24.68 8.53
N ALA B 232 8.26 25.83 8.23
CA ALA B 232 9.51 26.18 8.90
C ALA B 232 9.29 26.41 10.39
N VAL B 233 8.17 27.04 10.75
CA VAL B 233 7.88 27.29 12.17
C VAL B 233 7.44 25.99 12.85
N LYS B 234 6.61 25.19 12.19
CA LYS B 234 6.28 23.88 12.74
C LYS B 234 7.54 23.06 12.99
N TRP B 235 8.53 23.17 12.11
CA TRP B 235 9.78 22.44 12.29
C TRP B 235 10.56 22.98 13.48
N TRP B 236 10.67 24.31 13.58
CA TRP B 236 11.36 24.92 14.71
C TRP B 236 10.69 24.53 16.03
N ARG B 237 9.36 24.56 16.08
CA ARG B 237 8.65 24.16 17.29
C ARG B 237 8.95 22.71 17.64
N GLN B 238 9.13 21.86 16.63
CA GLN B 238 9.46 20.46 16.88
C GLN B 238 10.88 20.30 17.39
N GLN B 239 11.82 21.10 16.87
CA GLN B 239 13.21 21.00 17.31
C GLN B 239 13.38 21.43 18.76
N ASN B 240 12.73 22.53 19.15
CA ASN B 240 12.80 23.04 20.51
C ASN B 240 11.60 22.62 21.35
N SER B 241 11.09 21.40 21.11
CA SER B 241 9.88 20.96 21.79
C SER B 241 10.07 20.88 23.30
N ASP B 242 11.29 20.57 23.76
CA ASP B 242 11.54 20.41 25.19
C ASP B 242 11.53 21.74 25.94
N ASN B 243 11.62 22.87 25.24
CA ASN B 243 11.58 24.19 25.87
C ASN B 243 10.40 25.01 25.37
N LEU B 244 9.33 24.35 24.98
CA LEU B 244 8.10 24.98 24.49
C LEU B 244 6.91 24.25 25.07
N PRO B 245 5.76 24.91 25.17
CA PRO B 245 4.56 24.22 25.66
C PRO B 245 4.17 23.10 24.71
N LYS B 246 3.35 22.18 25.22
CA LYS B 246 2.82 21.13 24.36
C LYS B 246 1.98 21.72 23.23
N TYR B 247 1.14 22.69 23.54
CA TYR B 247 0.33 23.45 22.60
C TYR B 247 0.75 24.91 22.64
N PRO B 248 0.69 25.63 21.51
CA PRO B 248 0.09 25.32 20.21
C PRO B 248 0.94 24.46 19.28
N LYS B 249 0.26 23.48 18.68
CA LYS B 249 0.79 22.66 17.61
C LYS B 249 -0.32 22.49 16.58
N GLY B 250 -0.02 21.76 15.51
CA GLY B 250 -1.05 21.42 14.56
C GLY B 250 -1.70 22.65 13.95
N TYR B 251 -3.03 22.61 13.84
CA TYR B 251 -3.76 23.67 13.17
C TYR B 251 -3.82 24.97 13.98
N PRO B 252 -3.97 24.93 15.32
CA PRO B 252 -3.86 26.20 16.06
C PRO B 252 -2.56 26.94 15.83
N LEU B 253 -1.44 26.22 15.73
CA LEU B 253 -0.19 26.88 15.37
C LEU B 253 -0.24 27.44 13.95
N GLU B 254 -0.81 26.68 13.02
CA GLU B 254 -0.90 27.14 11.64
C GLU B 254 -1.75 28.41 11.54
N HIS B 255 -2.85 28.46 12.29
CA HIS B 255 -3.72 29.63 12.23
C HIS B 255 -3.06 30.87 12.83
N LEU B 256 -2.25 30.68 13.88
CA LEU B 256 -1.50 31.80 14.44
C LEU B 256 -0.49 32.36 13.44
N ILE B 257 0.23 31.46 12.76
CA ILE B 257 1.23 31.88 11.77
C ILE B 257 0.54 32.61 10.62
N GLY B 258 -0.59 32.08 10.15
CA GLY B 258 -1.29 32.73 9.06
C GLY B 258 -1.92 34.04 9.46
N ASN B 259 -2.21 34.21 10.74
CA ASN B 259 -2.74 35.48 11.24
C ASN B 259 -1.63 36.53 11.34
N ALA B 260 -0.48 36.14 11.91
CA ALA B 260 0.61 37.09 12.09
C ALA B 260 1.25 37.48 10.77
N LEU B 261 1.22 36.60 9.78
CA LEU B 261 1.89 36.87 8.51
C LEU B 261 1.14 37.96 7.74
N ASP B 262 1.84 39.02 7.38
CA ASP B 262 1.25 40.07 6.56
C ASP B 262 1.26 39.65 5.10
N ASP B 263 0.34 40.25 4.33
CA ASP B 263 0.27 39.97 2.90
C ASP B 263 1.43 40.64 2.18
N GLY B 264 1.85 40.04 1.07
CA GLY B 264 2.94 40.59 0.28
C GLY B 264 4.31 40.24 0.80
N THR B 265 4.52 39.00 1.21
CA THR B 265 5.79 38.59 1.77
C THR B 265 6.86 38.57 0.69
N PRO B 266 7.96 39.31 0.84
CA PRO B 266 8.99 39.32 -0.20
C PRO B 266 9.86 38.07 -0.22
N SER B 267 10.41 37.68 0.93
CA SER B 267 11.29 36.53 1.01
C SER B 267 11.01 35.75 2.29
N MET B 268 11.68 34.60 2.42
CA MET B 268 11.51 33.75 3.59
C MET B 268 12.18 34.33 4.83
N GLY B 269 13.33 34.97 4.67
CA GLY B 269 13.99 35.59 5.82
C GLY B 269 13.20 36.77 6.35
N LYS B 270 12.81 37.68 5.46
CA LYS B 270 11.93 38.78 5.87
C LYS B 270 10.59 38.25 6.33
N GLY B 271 10.12 37.17 5.70
CA GLY B 271 8.81 36.64 6.05
C GLY B 271 8.76 36.05 7.46
N LEU B 272 9.85 35.39 7.88
CA LEU B 272 9.87 34.82 9.22
C LEU B 272 9.92 35.90 10.29
N VAL B 273 10.86 36.84 10.17
CA VAL B 273 11.00 37.90 11.17
C VAL B 273 9.76 38.78 11.20
N GLN B 274 9.11 38.99 10.06
CA GLN B 274 7.92 39.84 10.04
C GLN B 274 6.77 39.21 10.82
N LEU B 275 6.60 37.89 10.72
CA LEU B 275 5.48 37.26 11.41
C LEU B 275 5.74 37.07 12.90
N ILE B 276 7.01 36.88 13.30
CA ILE B 276 7.33 36.77 14.71
C ILE B 276 7.21 38.13 15.40
N ASP B 277 7.74 39.18 14.76
CA ASP B 277 7.59 40.53 15.31
C ASP B 277 6.12 40.92 15.38
N THR B 278 5.36 40.63 14.33
CA THR B 278 3.93 40.91 14.37
C THR B 278 3.23 40.07 15.42
N PHE B 279 3.67 38.83 15.63
CA PHE B 279 3.09 38.00 16.69
C PHE B 279 3.30 38.65 18.06
N LEU B 280 4.55 38.97 18.40
CA LEU B 280 4.83 39.53 19.71
C LEU B 280 4.22 40.91 19.87
N SER B 281 4.17 41.69 18.79
CA SER B 281 3.57 43.02 18.85
C SER B 281 2.06 42.93 18.99
N ARG B 282 1.42 42.06 18.21
CA ARG B 282 -0.04 42.00 18.21
C ARG B 282 -0.58 41.42 19.50
N TRP B 283 0.13 40.44 20.09
CA TRP B 283 -0.35 39.74 21.27
C TRP B 283 0.40 40.16 22.54
N ALA B 284 0.91 41.39 22.57
CA ALA B 284 1.56 41.89 23.78
C ALA B 284 0.53 42.24 24.86
N TYR B 285 -0.54 42.94 24.47
CA TYR B 285 -1.55 43.33 25.45
C TYR B 285 -2.28 42.12 26.04
N VAL B 286 -2.46 41.07 25.25
CA VAL B 286 -3.13 39.88 25.75
C VAL B 286 -2.17 39.00 26.55
N TYR B 287 -0.88 39.06 26.23
CA TYR B 287 0.12 38.33 27.02
C TYR B 287 0.42 39.00 28.34
N SER B 288 0.30 40.34 28.40
CA SER B 288 0.61 41.05 29.64
C SER B 288 -0.36 40.66 30.75
N LEU B 289 -1.63 40.48 30.43
CA LEU B 289 -2.63 40.02 31.37
C LEU B 289 -2.71 38.49 31.43
N ARG B 290 -1.70 37.80 30.88
CA ARG B 290 -1.58 36.35 30.94
C ARG B 290 -2.80 35.66 30.32
N SER B 291 -3.26 36.19 29.20
CA SER B 291 -4.42 35.67 28.49
C SER B 291 -4.00 35.21 27.09
N LYS B 292 -4.98 34.83 26.28
CA LYS B 292 -4.78 34.33 24.94
C LYS B 292 -5.74 35.02 23.99
N PRO B 293 -5.44 35.02 22.68
CA PRO B 293 -6.36 35.62 21.71
C PRO B 293 -7.56 34.70 21.46
N SER B 294 -8.51 35.23 20.67
CA SER B 294 -9.71 34.50 20.26
C SER B 294 -9.90 34.74 18.76
N LEU B 295 -9.21 33.93 17.96
CA LEU B 295 -9.23 34.11 16.52
C LEU B 295 -10.32 33.24 15.88
N PRO B 296 -11.15 33.81 15.02
CA PRO B 296 -12.22 33.04 14.40
C PRO B 296 -11.74 32.17 13.25
N ASP B 297 -12.38 31.01 13.12
CA ASP B 297 -12.07 30.07 12.05
C ASP B 297 -12.56 30.62 10.71
N HIS B 298 -11.80 30.30 9.66
CA HIS B 298 -12.12 30.81 8.33
C HIS B 298 -13.42 30.24 7.78
N GLY B 299 -13.76 29.01 8.15
CA GLY B 299 -15.04 28.46 7.77
C GLY B 299 -16.15 28.88 8.70
N VAL B 300 -15.92 28.71 10.01
CA VAL B 300 -16.90 29.06 11.04
C VAL B 300 -16.40 30.31 11.75
N GLU B 301 -17.03 31.45 11.47
CA GLU B 301 -16.65 32.68 12.16
C GLU B 301 -16.92 32.58 13.65
N GLU B 302 -17.90 31.77 14.05
CA GLU B 302 -18.28 31.67 15.45
C GLU B 302 -17.33 30.82 16.27
N HIS B 303 -16.55 29.96 15.62
CA HIS B 303 -15.64 29.06 16.31
C HIS B 303 -14.30 29.74 16.56
N ASP B 304 -13.81 29.65 17.80
CA ASP B 304 -12.48 30.13 18.16
C ASP B 304 -11.49 29.00 17.95
N VAL B 305 -10.53 29.18 17.05
CA VAL B 305 -9.54 28.15 16.77
C VAL B 305 -8.71 27.84 18.02
N LEU B 306 -8.55 28.82 18.91
CA LEU B 306 -7.76 28.64 20.12
C LEU B 306 -8.63 28.36 21.34
N ALA B 307 -9.71 27.60 21.16
CA ALA B 307 -10.66 27.38 22.25
C ALA B 307 -10.15 26.36 23.26
N ARG B 308 -9.35 25.39 22.82
CA ARG B 308 -8.84 24.34 23.69
C ARG B 308 -7.43 24.62 24.20
N LEU B 309 -6.86 25.76 23.84
CA LEU B 309 -5.49 26.11 24.21
C LEU B 309 -5.51 26.89 25.51
N SER B 310 -4.85 26.37 26.54
CA SER B 310 -4.83 27.05 27.82
C SER B 310 -4.11 28.39 27.69
N ALA B 311 -4.60 29.39 28.43
CA ALA B 311 -4.00 30.71 28.36
C ALA B 311 -2.55 30.70 28.82
N GLU B 312 -2.20 29.77 29.71
CA GLU B 312 -0.80 29.64 30.11
C GLU B 312 0.04 29.06 28.98
N ASP B 313 -0.52 28.15 28.18
CA ASP B 313 0.20 27.61 27.04
C ASP B 313 0.57 28.70 26.04
N PHE B 314 -0.37 29.62 25.77
CA PHE B 314 -0.10 30.68 24.81
C PHE B 314 1.00 31.61 25.31
N CYS B 315 0.88 32.08 26.55
CA CYS B 315 1.88 33.00 27.08
C CYS B 315 3.24 32.34 27.19
N LEU B 316 3.28 31.05 27.52
CA LEU B 316 4.54 30.33 27.48
C LEU B 316 5.06 30.21 26.04
N PHE B 317 4.14 30.04 25.08
CA PHE B 317 4.55 30.03 23.68
C PHE B 317 4.95 31.43 23.21
N TYR B 318 4.31 32.46 23.77
CA TYR B 318 4.72 33.83 23.48
C TYR B 318 6.18 34.06 23.84
N GLU B 319 6.59 33.59 25.02
CA GLU B 319 7.98 33.70 25.43
C GLU B 319 8.91 32.87 24.56
N GLY B 320 8.44 31.72 24.07
CA GLY B 320 9.26 30.91 23.19
C GLY B 320 9.61 31.65 21.90
N LEU B 321 8.61 32.30 21.30
CA LEU B 321 8.89 33.13 20.12
C LEU B 321 9.72 34.36 20.47
N GLU B 322 9.70 34.80 21.72
CA GLU B 322 10.57 35.90 22.14
C GLU B 322 12.03 35.49 22.10
N ASP B 323 12.35 34.30 22.63
CA ASP B 323 13.72 33.80 22.55
C ASP B 323 14.11 33.48 21.11
N ALA B 324 13.14 33.03 20.30
CA ALA B 324 13.43 32.73 18.90
C ALA B 324 13.53 33.98 18.05
N ALA B 325 12.85 35.07 18.45
CA ALA B 325 12.91 36.30 17.68
C ALA B 325 14.29 36.93 17.73
N ILE B 326 14.98 36.83 18.87
CA ILE B 326 16.33 37.36 18.99
C ILE B 326 17.25 36.69 17.97
N ILE B 327 17.09 35.39 17.77
CA ILE B 327 17.93 34.67 16.81
C ILE B 327 17.57 35.05 15.39
N ALA B 328 16.27 35.07 15.08
CA ALA B 328 15.84 35.35 13.70
C ALA B 328 16.20 36.76 13.28
N ARG B 329 16.04 37.74 14.19
CA ARG B 329 16.43 39.12 13.86
C ARG B 329 17.92 39.22 13.60
N SER B 330 18.73 38.45 14.34
CA SER B 330 20.17 38.51 14.17
C SER B 330 20.64 37.74 12.94
N ALA B 331 19.88 36.74 12.50
CA ALA B 331 20.28 35.96 11.33
C ALA B 331 19.95 36.69 10.04
N LEU B 332 18.74 37.27 9.95
CA LEU B 332 18.37 38.05 8.78
C LEU B 332 19.20 39.32 8.63
N ALA B 333 19.82 39.81 9.72
CA ALA B 333 20.60 41.04 9.67
C ALA B 333 22.09 40.82 9.46
N SER B 334 22.62 39.64 9.80
CA SER B 334 24.05 39.41 9.65
C SER B 334 24.42 39.29 8.18
N GLN B 335 25.48 39.99 7.78
CA GLN B 335 25.96 39.93 6.40
C GLN B 335 26.85 38.73 6.12
N ASP B 336 27.32 38.04 7.15
CA ASP B 336 28.21 36.91 6.96
C ASP B 336 27.40 35.68 6.54
N PRO B 337 27.61 35.14 5.33
CA PRO B 337 26.84 33.94 4.93
C PRO B 337 27.14 32.73 5.79
N LYS B 338 28.26 32.72 6.51
CA LYS B 338 28.62 31.62 7.39
C LYS B 338 28.29 31.90 8.85
N GLU B 339 27.63 33.03 9.13
CA GLU B 339 27.09 33.34 10.45
C GLU B 339 25.58 33.28 10.52
N SER B 340 24.90 33.84 9.51
CA SER B 340 23.45 33.72 9.44
C SER B 340 23.03 32.25 9.36
N ALA B 341 23.79 31.43 8.65
CA ALA B 341 23.49 30.01 8.57
C ALA B 341 23.52 29.38 9.96
N GLU B 342 24.52 29.72 10.76
CA GLU B 342 24.62 29.14 12.11
C GLU B 342 23.47 29.59 12.99
N LEU B 343 23.13 30.89 12.93
CA LEU B 343 22.00 31.39 13.71
C LEU B 343 20.70 30.70 13.31
N TRP B 344 20.45 30.55 12.01
CA TRP B 344 19.27 29.82 11.56
C TRP B 344 19.28 28.39 12.08
N ARG B 345 20.46 27.75 12.09
CA ARG B 345 20.55 26.37 12.55
C ARG B 345 20.23 26.23 14.04
N LYS B 346 20.36 27.31 14.82
CA LYS B 346 19.97 27.25 16.21
C LYS B 346 18.46 27.20 16.38
N LEU B 347 17.71 27.67 15.38
CA LEU B 347 16.25 27.58 15.37
C LEU B 347 15.72 26.35 14.65
N PHE B 348 16.40 25.89 13.61
CA PHE B 348 15.88 24.82 12.75
C PHE B 348 16.64 23.52 12.87
N GLY B 349 17.89 23.54 13.33
CA GLY B 349 18.65 22.32 13.50
C GLY B 349 19.50 21.99 12.28
N THR B 350 19.99 20.75 12.28
CA THR B 350 20.87 20.28 11.21
C THR B 350 20.23 20.33 9.83
N LYS B 351 18.89 20.29 9.74
CA LYS B 351 18.22 20.33 8.45
C LYS B 351 18.37 21.68 7.77
N PHE B 352 18.88 22.70 8.45
CA PHE B 352 19.21 23.97 7.80
C PHE B 352 20.65 23.89 7.31
N PRO B 353 20.92 24.13 6.03
CA PRO B 353 22.26 23.88 5.49
C PRO B 353 23.19 25.08 5.62
N PHE B 354 24.47 24.77 5.71
CA PHE B 354 25.49 25.79 5.46
C PHE B 354 25.52 26.06 3.96
N PRO B 355 25.56 27.34 3.54
CA PRO B 355 25.43 27.74 2.14
C PRO B 355 26.44 27.06 1.22
MG MG C . 9.52 -16.40 -2.30
MG MG D . 6.21 -17.62 -2.85
MG MG E . 23.56 -23.24 -4.95
PG GTP F . 5.12 -19.90 -0.93
O1G GTP F . 4.09 -20.38 -1.91
O2G GTP F . 5.04 -20.72 0.34
O3G GTP F . 4.90 -18.44 -0.58
O3B GTP F . 6.57 -20.09 -1.60
PB GTP F . 6.72 -20.81 -3.03
O1B GTP F . 6.03 -22.15 -3.02
O2B GTP F . 6.16 -19.98 -4.17
O3A GTP F . 8.31 -21.00 -3.21
PA GTP F . 9.33 -19.75 -3.09
O1A GTP F . 8.57 -18.50 -2.76
O2A GTP F . 10.42 -20.03 -2.08
O5' GTP F . 9.95 -19.60 -4.57
C5' GTP F . 9.23 -18.90 -5.57
C4' GTP F . 9.26 -19.62 -6.90
O4' GTP F . 10.59 -20.04 -7.18
C3' GTP F . 8.41 -20.89 -6.98
O3' GTP F . 7.10 -20.64 -7.42
C2' GTP F . 9.13 -21.70 -8.02
O2' GTP F . 8.62 -21.39 -9.29
C1' GTP F . 10.58 -21.26 -7.90
N9 GTP F . 11.23 -22.28 -7.08
C8 GTP F . 11.45 -22.23 -5.72
N7 GTP F . 12.07 -23.37 -5.34
C5 GTP F . 12.26 -24.14 -6.44
C6 GTP F . 12.84 -25.39 -6.63
O6 GTP F . 13.32 -26.02 -5.68
N1 GTP F . 12.89 -25.93 -7.89
C2 GTP F . 12.36 -25.23 -8.95
N2 GTP F . 12.41 -25.74 -10.17
N3 GTP F . 11.78 -23.99 -8.77
C4 GTP F . 11.74 -23.46 -7.53
PG GTP G . 21.68 -24.87 -6.92
O1G GTP G . 20.87 -25.37 -8.10
O2G GTP G . 23.15 -24.99 -7.26
O3G GTP G . 21.40 -25.70 -5.69
O3B GTP G . 21.33 -23.33 -6.65
PB GTP G . 20.33 -22.83 -5.47
O1B GTP G . 19.91 -21.40 -5.72
O2B GTP G . 21.04 -22.97 -4.15
O3A GTP G . 19.03 -23.79 -5.52
PA GTP G . 17.65 -23.32 -4.82
O1A GTP G . 17.08 -24.40 -3.94
O2A GTP G . 17.84 -22.07 -4.01
O5' GTP G . 16.66 -23.10 -6.07
C5' GTP G . 16.43 -24.14 -6.99
C4' GTP G . 16.08 -23.56 -8.35
O4' GTP G . 14.77 -23.01 -8.27
C3' GTP G . 17.00 -22.42 -8.73
O3' GTP G . 17.98 -22.86 -9.64
C2' GTP G . 16.09 -21.42 -9.41
O2' GTP G . 16.14 -21.66 -10.79
C1' GTP G . 14.69 -21.74 -8.90
N9 GTP G . 14.29 -20.73 -7.90
C8 GTP G . 14.51 -20.80 -6.56
N7 GTP G . 13.99 -19.70 -5.97
C5 GTP G . 13.43 -18.92 -6.92
C6 GTP G . 12.76 -17.70 -6.87
O6 GTP G . 12.59 -17.10 -5.81
N1 GTP G . 12.29 -17.14 -8.04
C2 GTP G . 12.47 -17.79 -9.24
N2 GTP G . 12.01 -17.23 -10.35
N3 GTP G . 13.13 -19.00 -9.28
C4 GTP G . 13.61 -19.56 -8.15
MG MG H . -3.73 16.27 9.51
MG MG I . -5.67 14.23 11.54
MG MG J . -16.41 19.59 22.12
PG GTP K . -1.09 17.72 11.10
O1G GTP K . -2.10 16.60 11.15
O2G GTP K . -0.13 17.47 9.97
O3G GTP K . -0.32 17.78 12.39
O3B GTP K . -1.87 19.12 10.86
PB GTP K . -3.47 19.15 10.82
O1B GTP K . -4.02 20.57 10.85
O2B GTP K . -3.96 18.44 9.58
O3A GTP K . -3.88 18.36 12.17
PA GTP K . -5.32 17.64 12.30
O1A GTP K . -5.11 16.16 12.07
O2A GTP K . -5.99 17.87 13.63
O5' GTP K . -6.17 18.31 11.11
C5' GTP K . -7.58 18.34 11.17
C4' GTP K . -8.14 19.43 10.25
O4' GTP K . -9.27 19.96 10.91
C3' GTP K . -7.19 20.60 10.01
O3' GTP K . -6.76 20.65 8.68
C2' GTP K . -8.01 21.83 10.25
O2' GTP K . -8.42 22.36 9.02
C1' GTP K . -9.22 21.37 11.02
N9 GTP K . -8.99 21.73 12.42
C8 GTP K . -8.27 21.02 13.34
N7 GTP K . -8.28 21.69 14.51
C5 GTP K . -9.00 22.82 14.35
C6 GTP K . -9.33 23.85 15.22
O6 GTP K . -8.94 23.84 16.39
N1 GTP K . -10.10 24.91 14.76
C2 GTP K . -10.53 24.92 13.45
N2 GTP K . -11.28 25.93 13.01
N3 GTP K . -10.21 23.89 12.60
C4 GTP K . -9.45 22.86 13.04
PG GTP L . -16.11 22.20 20.49
O1G GTP L . -17.18 21.24 20.98
O2G GTP L . -16.12 23.43 21.36
O3G GTP L . -16.39 22.58 19.05
O3B GTP L . -14.70 21.44 20.61
PB GTP L . -14.33 20.18 19.67
O1B GTP L . -13.56 19.19 20.49
O2B GTP L . -15.54 19.54 19.04
O3A GTP L . -13.33 20.79 18.56
PA GTP L . -11.94 20.07 18.21
O1A GTP L . -10.91 20.27 19.30
O2A GTP L . -12.12 18.60 17.87
O5' GTP L . -11.51 20.92 16.91
C5' GTP L . -11.99 22.24 16.74
C4' GTP L . -12.72 22.34 15.41
O4' GTP L . -11.84 21.93 14.38
C3' GTP L . -13.93 21.44 15.31
O3' GTP L . -15.12 22.13 15.57
C2' GTP L . -13.92 20.98 13.87
O2' GTP L . -14.73 21.87 13.14
C1' GTP L . -12.49 21.13 13.41
N9 GTP L . -11.83 19.81 13.37
C8 GTP L . -11.16 19.22 14.41
N7 GTP L . -10.68 18.03 13.99
C5 GTP L . -11.01 17.86 12.69
C6 GTP L . -10.76 16.84 11.78
O6 GTP L . -10.13 15.84 12.12
N1 GTP L . -11.24 16.94 10.49
C2 GTP L . -11.96 18.06 10.11
N2 GTP L . -12.41 18.17 8.87
N3 GTP L . -12.19 19.08 11.02
C4 GTP L . -11.73 18.98 12.29
#